data_7ENE
#
_entry.id   7ENE
#
_cell.length_a   62.755
_cell.length_b   112.952
_cell.length_c   92.355
_cell.angle_alpha   90.000
_cell.angle_beta   91.316
_cell.angle_gamma   90.000
#
_symmetry.space_group_name_H-M   'P 1 21 1'
#
loop_
_entity.id
_entity.type
_entity.pdbx_description
1 polymer 'ORF1a protein'
2 non-polymer ~{N}-[(1~{S},2~{R})-2-[[4-bromanyl-2-(methylcarbamoyl)-6-nitro-phenyl]amino]cyclohexyl]isoquinoline-4-carboxamide
#
_entity_poly.entity_id   1
_entity_poly.type   'polypeptide(L)'
_entity_poly.pdbx_seq_one_letter_code
;SGLVKMSHPSGDVEACMVQVTCGSMTLNGLWLDNTVWCPRHVMCPADQLSDPNYDALLISMTNHSFSVQKHIGAPANLRV
VGHAMQGTLLKLTVDVANPSTPAYTFTTVKPGAAFSVLACYNGRPTGTFTVVMRPNYTIKGSFLCGSCGSVGYTKEGSVI
NFCYMHQMELANGTHTGSAFDGTMYGAFMDKQVHQVQLTDKYCSVNVVAWLYAAILNGCAWFVKPNRTSVVSFNEWALAN
QFTEFVGTQSVDMLAVKTGVAIEQLLYAIQQLYTGFQGKQILGSTMLEDEFTPEDVNMQIMGVVMQ
;
_entity_poly.pdbx_strand_id   A,B,C,D
#
loop_
_chem_comp.id
_chem_comp.type
_chem_comp.name
_chem_comp.formula
J7R non-polymer ~{N}-[(1~{S},2~{R})-2-[[4-bromanyl-2-(methylcarbamoyl)-6-nitro-phenyl]amino]cyclohexyl]isoquinoline-4-carboxamide 'C24 H24 Br N5 O4'
#
# COMPACT_ATOMS: atom_id res chain seq x y z
N SER A 1 -14.31 27.50 13.62
CA SER A 1 -14.65 27.38 15.04
C SER A 1 -15.76 26.35 15.25
N GLY A 2 -16.04 26.04 16.50
CA GLY A 2 -17.03 25.04 16.84
C GLY A 2 -16.37 23.77 17.32
N LEU A 3 -17.05 23.07 18.24
CA LEU A 3 -16.52 21.84 18.81
C LEU A 3 -17.58 20.76 18.71
N VAL A 4 -17.24 19.66 18.03
CA VAL A 4 -18.12 18.52 17.82
C VAL A 4 -17.31 17.27 18.15
N LYS A 5 -18.01 16.17 18.33
CA LYS A 5 -17.35 14.87 18.47
C LYS A 5 -16.93 14.43 17.08
N MET A 6 -15.63 14.46 16.82
CA MET A 6 -15.11 14.22 15.48
C MET A 6 -14.36 12.90 15.46
N SER A 7 -14.62 12.12 14.43
CA SER A 7 -14.01 10.82 14.28
C SER A 7 -13.04 10.85 13.11
N HIS A 8 -12.08 9.97 13.17
CA HIS A 8 -11.14 9.91 12.07
C HIS A 8 -11.77 9.19 10.87
N PRO A 9 -11.50 9.66 9.65
CA PRO A 9 -12.00 8.96 8.46
C PRO A 9 -11.60 7.49 8.48
N SER A 10 -12.53 6.63 8.09
CA SER A 10 -12.43 5.21 8.41
C SER A 10 -12.06 4.33 7.23
N GLY A 11 -11.90 4.89 6.03
CA GLY A 11 -11.56 4.08 4.88
C GLY A 11 -10.35 3.19 5.13
N ASP A 12 -9.33 3.77 5.77
CA ASP A 12 -8.15 3.00 6.18
C ASP A 12 -8.55 1.67 6.81
N VAL A 13 -9.50 1.70 7.73
CA VAL A 13 -9.85 0.54 8.53
C VAL A 13 -10.98 -0.27 7.88
N GLU A 14 -11.87 0.39 7.14
CA GLU A 14 -12.88 -0.32 6.37
C GLU A 14 -12.24 -1.38 5.48
N ALA A 15 -11.10 -1.06 4.88
CA ALA A 15 -10.37 -1.96 4.00
C ALA A 15 -9.77 -3.16 4.74
N CYS A 16 -9.95 -3.26 6.06
CA CYS A 16 -9.35 -4.33 6.84
C CYS A 16 -10.38 -5.16 7.59
N MET A 17 -11.67 -4.94 7.33
CA MET A 17 -12.71 -5.67 8.04
C MET A 17 -13.13 -6.90 7.26
N VAL A 18 -13.24 -8.03 7.96
CA VAL A 18 -13.68 -9.29 7.40
C VAL A 18 -14.66 -9.94 8.36
N GLN A 19 -15.29 -11.00 7.89
CA GLN A 19 -16.22 -11.81 8.68
C GLN A 19 -15.54 -13.11 9.09
N VAL A 20 -15.58 -13.42 10.38
CA VAL A 20 -14.99 -14.64 10.92
C VAL A 20 -16.11 -15.53 11.43
N THR A 21 -16.09 -16.81 11.03
CA THR A 21 -17.12 -17.76 11.39
C THR A 21 -16.47 -18.98 12.04
N CYS A 22 -16.96 -19.35 13.21
CA CYS A 22 -16.52 -20.59 13.88
C CYS A 22 -17.77 -21.26 14.44
N GLY A 23 -18.24 -22.30 13.74
CA GLY A 23 -19.48 -22.98 14.08
C GLY A 23 -20.73 -22.17 13.71
N SER A 24 -21.54 -21.84 14.72
CA SER A 24 -22.76 -21.07 14.50
C SER A 24 -22.57 -19.62 14.86
N MET A 25 -21.38 -19.28 15.31
CA MET A 25 -21.05 -17.92 15.70
C MET A 25 -20.37 -17.21 14.55
N THR A 26 -20.76 -15.96 14.33
CA THR A 26 -20.18 -15.13 13.29
C THR A 26 -19.96 -13.74 13.87
N LEU A 27 -18.67 -13.32 13.83
CA LEU A 27 -18.33 -11.97 14.27
C LEU A 27 -17.45 -11.30 13.22
N ASN A 28 -16.90 -10.13 13.54
CA ASN A 28 -16.01 -9.39 12.62
C ASN A 28 -14.56 -9.60 13.02
N GLY A 29 -13.65 -9.47 12.07
CA GLY A 29 -12.24 -9.61 12.35
C GLY A 29 -11.45 -8.57 11.60
N LEU A 30 -10.25 -8.30 12.09
CA LEU A 30 -9.38 -7.28 11.53
C LEU A 30 -8.30 -7.99 10.71
N TRP A 31 -8.22 -7.64 9.43
CA TRP A 31 -7.34 -8.32 8.47
C TRP A 31 -6.14 -7.43 8.19
N LEU A 32 -5.00 -7.79 8.77
CA LEU A 32 -3.74 -7.08 8.57
C LEU A 32 -2.72 -8.07 8.03
N ASP A 33 -2.19 -7.79 6.83
CA ASP A 33 -1.29 -8.70 6.14
C ASP A 33 -1.92 -10.09 6.07
N ASN A 34 -1.23 -11.10 6.60
CA ASN A 34 -1.74 -12.47 6.55
C ASN A 34 -2.38 -12.91 7.86
N THR A 35 -2.78 -11.98 8.71
CA THR A 35 -3.36 -12.32 10.00
C THR A 35 -4.74 -11.70 10.14
N VAL A 36 -5.62 -12.41 10.81
CA VAL A 36 -6.97 -11.93 11.12
C VAL A 36 -7.15 -12.01 12.63
N TRP A 37 -7.34 -10.85 13.26
CA TRP A 37 -7.61 -10.80 14.68
C TRP A 37 -9.11 -10.80 14.91
N CYS A 38 -9.57 -11.56 15.89
CA CYS A 38 -10.97 -11.62 16.23
C CYS A 38 -11.11 -12.04 17.69
N PRO A 39 -12.25 -11.76 18.31
CA PRO A 39 -12.50 -12.25 19.67
C PRO A 39 -12.49 -13.77 19.70
N ARG A 40 -11.96 -14.34 20.77
CA ARG A 40 -11.86 -15.79 20.88
C ARG A 40 -13.19 -16.47 21.21
N HIS A 41 -14.14 -15.74 21.82
CA HIS A 41 -15.42 -16.35 22.16
C HIS A 41 -16.26 -16.70 20.94
N VAL A 42 -15.74 -16.47 19.73
CA VAL A 42 -16.36 -17.03 18.54
C VAL A 42 -16.27 -18.55 18.54
N MET A 43 -15.33 -19.12 19.29
CA MET A 43 -15.21 -20.57 19.37
C MET A 43 -16.19 -21.19 20.34
N CYS A 44 -16.69 -20.42 21.30
CA CYS A 44 -17.47 -21.00 22.39
C CYS A 44 -18.96 -20.86 22.11
N PRO A 45 -19.72 -21.96 22.07
CA PRO A 45 -21.16 -21.85 21.86
C PRO A 45 -21.85 -21.28 23.09
N ALA A 46 -23.12 -20.89 22.95
CA ALA A 46 -23.93 -20.61 24.13
C ALA A 46 -23.84 -21.74 25.15
N ASP A 47 -23.52 -22.94 24.69
CA ASP A 47 -23.34 -24.09 25.58
C ASP A 47 -22.39 -23.81 26.74
N GLN A 48 -21.19 -23.25 26.47
CA GLN A 48 -20.23 -23.02 27.54
C GLN A 48 -19.95 -21.54 27.80
N LEU A 49 -20.90 -20.64 27.58
CA LEU A 49 -20.60 -19.22 27.76
C LEU A 49 -20.55 -18.81 29.22
N SER A 50 -20.94 -19.69 30.14
CA SER A 50 -20.95 -19.37 31.56
C SER A 50 -19.64 -19.76 32.23
N ASP A 51 -19.04 -20.91 31.89
CA ASP A 51 -17.68 -21.25 32.29
C ASP A 51 -16.90 -21.82 31.12
N PRO A 52 -16.25 -20.97 30.33
CA PRO A 52 -15.51 -21.47 29.16
C PRO A 52 -14.08 -21.94 29.43
N ASN A 53 -13.71 -22.98 28.71
CA ASN A 53 -12.37 -23.60 28.60
C ASN A 53 -11.67 -23.26 27.30
N TYR A 54 -11.16 -22.02 27.24
CA TYR A 54 -10.61 -21.52 26.00
C TYR A 54 -9.34 -22.29 25.63
N ASP A 55 -8.59 -22.72 26.65
CA ASP A 55 -7.39 -23.51 26.38
C ASP A 55 -7.76 -24.80 25.66
N ALA A 56 -8.76 -25.52 26.15
CA ALA A 56 -9.21 -26.72 25.45
C ALA A 56 -9.91 -26.40 24.14
N LEU A 57 -10.71 -25.33 24.08
CA LEU A 57 -11.39 -25.08 22.81
C LEU A 57 -10.40 -24.87 21.66
N LEU A 58 -9.22 -24.32 21.94
CA LEU A 58 -8.24 -24.12 20.87
C LEU A 58 -7.58 -25.42 20.46
N ILE A 59 -7.13 -26.22 21.42
CA ILE A 59 -6.54 -27.52 21.10
C ILE A 59 -7.54 -28.42 20.40
N SER A 60 -8.83 -28.18 20.64
CA SER A 60 -9.94 -28.81 19.95
C SER A 60 -10.06 -28.37 18.49
N MET A 61 -9.38 -27.30 18.08
CA MET A 61 -9.67 -26.62 16.82
C MET A 61 -8.81 -27.12 15.66
N THR A 62 -9.40 -27.09 14.47
CA THR A 62 -8.69 -27.31 13.23
C THR A 62 -8.78 -26.03 12.38
N ASN A 63 -7.96 -25.97 11.32
CA ASN A 63 -8.01 -24.84 10.41
C ASN A 63 -9.29 -24.81 9.58
N HIS A 64 -10.04 -25.91 9.55
CA HIS A 64 -11.31 -25.95 8.86
C HIS A 64 -12.48 -25.53 9.75
N SER A 65 -12.25 -25.40 11.06
CA SER A 65 -13.26 -24.87 11.96
C SER A 65 -13.56 -23.40 11.72
N PHE A 66 -12.66 -22.66 11.07
CA PHE A 66 -12.78 -21.22 10.91
C PHE A 66 -12.98 -20.87 9.44
N SER A 67 -13.86 -19.90 9.20
CA SER A 67 -14.12 -19.38 7.87
C SER A 67 -13.95 -17.86 7.92
N VAL A 68 -13.20 -17.32 6.98
CA VAL A 68 -12.92 -15.88 6.91
C VAL A 68 -13.42 -15.41 5.57
N GLN A 69 -14.24 -14.38 5.54
CA GLN A 69 -14.80 -14.03 4.25
C GLN A 69 -14.86 -12.50 4.21
N LYS A 70 -14.66 -11.91 3.03
CA LYS A 70 -14.54 -10.46 2.87
C LYS A 70 -15.71 -9.91 2.05
N HIS A 71 -16.46 -8.98 2.62
CA HIS A 71 -17.71 -8.53 2.01
C HIS A 71 -17.65 -7.22 1.24
N ILE A 72 -16.70 -6.31 1.52
CA ILE A 72 -16.72 -4.98 0.92
C ILE A 72 -15.78 -4.98 -0.28
N GLY A 73 -16.12 -4.18 -1.29
CA GLY A 73 -15.31 -4.13 -2.49
C GLY A 73 -15.38 -5.43 -3.24
N ALA A 74 -14.27 -6.15 -3.32
CA ALA A 74 -14.21 -7.46 -3.97
C ALA A 74 -14.38 -8.59 -2.96
N PRO A 75 -15.49 -9.33 -2.96
CA PRO A 75 -15.65 -10.42 -1.99
C PRO A 75 -14.68 -11.56 -2.24
N ALA A 76 -14.33 -12.27 -1.16
CA ALA A 76 -13.48 -13.46 -1.24
C ALA A 76 -13.52 -14.25 0.07
N ASN A 77 -13.26 -15.55 -0.05
CA ASN A 77 -12.93 -16.41 1.08
C ASN A 77 -11.43 -16.51 1.23
N LEU A 78 -10.97 -16.49 2.46
CA LEU A 78 -9.54 -16.61 2.78
C LEU A 78 -9.30 -17.90 3.55
N ARG A 79 -8.36 -18.76 3.09
CA ARG A 79 -8.11 -20.00 3.83
C ARG A 79 -7.39 -19.75 5.12
N VAL A 80 -7.86 -20.45 6.14
CA VAL A 80 -7.19 -20.38 7.43
C VAL A 80 -6.09 -21.43 7.40
N VAL A 81 -4.86 -20.98 7.57
CA VAL A 81 -3.68 -21.84 7.54
C VAL A 81 -3.07 -22.02 8.91
N GLY A 82 -3.56 -21.28 9.91
CA GLY A 82 -3.10 -21.44 11.27
C GLY A 82 -4.02 -20.77 12.26
N HIS A 83 -4.14 -21.32 13.46
CA HIS A 83 -4.94 -20.72 14.52
C HIS A 83 -4.11 -20.65 15.79
N ALA A 84 -4.14 -19.48 16.43
CA ALA A 84 -3.47 -19.27 17.71
C ALA A 84 -4.34 -18.38 18.59
N MET A 85 -4.08 -18.48 19.89
CA MET A 85 -4.72 -17.69 20.94
C MET A 85 -3.69 -16.82 21.64
N GLN A 86 -4.08 -15.56 21.88
CA GLN A 86 -3.26 -14.57 22.57
C GLN A 86 -4.21 -13.81 23.49
N GLY A 87 -4.12 -14.09 24.78
CA GLY A 87 -5.05 -13.50 25.72
C GLY A 87 -6.47 -13.87 25.36
N THR A 88 -7.26 -12.85 25.03
CA THR A 88 -8.67 -13.00 24.68
C THR A 88 -8.93 -12.87 23.19
N LEU A 89 -7.90 -13.01 22.36
CA LEU A 89 -8.06 -12.86 20.92
C LEU A 89 -7.57 -14.10 20.18
N LEU A 90 -8.13 -14.31 18.99
CA LEU A 90 -7.67 -15.34 18.07
C LEU A 90 -6.86 -14.70 16.95
N LYS A 91 -5.69 -15.25 16.67
CA LYS A 91 -4.91 -14.86 15.50
C LYS A 91 -5.01 -15.99 14.48
N LEU A 92 -5.74 -15.76 13.40
CA LEU A 92 -5.90 -16.75 12.35
C LEU A 92 -5.09 -16.29 11.13
N THR A 93 -4.17 -17.15 10.71
CA THR A 93 -3.34 -16.90 9.54
C THR A 93 -4.03 -17.34 8.26
N VAL A 94 -3.99 -16.49 7.24
CA VAL A 94 -4.64 -16.76 5.97
C VAL A 94 -3.60 -16.79 4.86
N ASP A 95 -3.97 -17.43 3.75
CA ASP A 95 -3.06 -17.64 2.63
C ASP A 95 -2.83 -16.38 1.81
N VAL A 96 -3.70 -15.39 1.91
CA VAL A 96 -3.63 -14.17 1.13
C VAL A 96 -3.33 -13.01 2.07
N ALA A 97 -2.40 -12.15 1.67
CA ALA A 97 -2.07 -10.95 2.42
C ALA A 97 -3.01 -9.82 2.01
N ASN A 98 -3.53 -9.09 2.99
CA ASN A 98 -4.41 -7.97 2.71
C ASN A 98 -3.65 -6.92 1.91
N PRO A 99 -4.04 -6.66 0.66
CA PRO A 99 -3.28 -5.68 -0.15
C PRO A 99 -3.45 -4.25 0.31
N SER A 100 -4.51 -3.94 1.06
CA SER A 100 -4.75 -2.59 1.55
C SER A 100 -4.38 -2.43 3.02
N THR A 101 -3.37 -3.15 3.48
CA THR A 101 -2.92 -3.03 4.87
C THR A 101 -2.21 -1.70 5.08
N PRO A 102 -2.69 -0.85 5.98
CA PRO A 102 -2.01 0.41 6.28
C PRO A 102 -0.91 0.23 7.31
N ALA A 103 -0.10 1.27 7.46
CA ALA A 103 0.86 1.31 8.56
C ALA A 103 0.11 1.37 9.89
N TYR A 104 0.43 0.45 10.80
CA TYR A 104 -0.32 0.36 12.03
C TYR A 104 0.59 -0.04 13.19
N THR A 105 0.07 0.18 14.41
CA THR A 105 0.72 -0.16 15.68
C THR A 105 -0.34 -0.69 16.62
N PHE A 106 0.10 -1.31 17.72
CA PHE A 106 -0.79 -1.83 18.77
C PHE A 106 -0.42 -1.22 20.12
N THR A 107 -1.17 -0.21 20.56
CA THR A 107 -0.97 0.40 21.87
C THR A 107 -2.22 0.32 22.73
N THR A 108 -2.03 0.01 24.01
CA THR A 108 -3.13 -0.02 24.97
C THR A 108 -3.37 1.40 25.47
N VAL A 109 -4.59 1.91 25.32
CA VAL A 109 -4.92 3.26 25.75
C VAL A 109 -5.18 3.27 27.25
N LYS A 110 -4.92 4.42 27.88
CA LYS A 110 -5.20 4.63 29.29
C LYS A 110 -6.51 5.37 29.46
N PRO A 111 -7.09 5.38 30.67
CA PRO A 111 -8.34 6.13 30.86
C PRO A 111 -8.17 7.60 30.50
N GLY A 112 -9.21 8.18 29.95
CA GLY A 112 -9.18 9.55 29.49
C GLY A 112 -8.84 9.72 28.03
N ALA A 113 -8.21 8.74 27.41
CA ALA A 113 -7.86 8.84 26.00
C ALA A 113 -9.09 8.58 25.14
N ALA A 114 -9.10 9.18 23.95
CA ALA A 114 -10.21 9.04 23.02
C ALA A 114 -9.73 8.35 21.75
N PHE A 115 -10.62 7.57 21.15
CA PHE A 115 -10.31 6.93 19.88
C PHE A 115 -11.57 6.76 19.06
N SER A 116 -11.40 6.72 17.74
CA SER A 116 -12.49 6.51 16.79
C SER A 116 -12.80 5.02 16.71
N VAL A 117 -14.08 4.69 16.80
CA VAL A 117 -14.56 3.31 16.70
C VAL A 117 -15.29 3.14 15.38
N LEU A 118 -15.02 2.04 14.69
CA LEU A 118 -15.74 1.66 13.48
C LEU A 118 -16.60 0.45 13.78
N ALA A 119 -17.92 0.66 13.86
CA ALA A 119 -18.85 -0.41 14.16
C ALA A 119 -19.15 -1.21 12.91
N CYS A 120 -19.03 -2.54 13.01
CA CYS A 120 -19.19 -3.44 11.88
C CYS A 120 -20.12 -4.58 12.27
N TYR A 121 -20.74 -5.16 11.25
CA TYR A 121 -21.60 -6.33 11.39
C TYR A 121 -21.41 -7.21 10.17
N ASN A 122 -21.16 -8.50 10.40
CA ASN A 122 -20.86 -9.45 9.33
C ASN A 122 -19.77 -8.91 8.40
N GLY A 123 -18.73 -8.34 9.02
CA GLY A 123 -17.62 -7.81 8.26
C GLY A 123 -17.93 -6.57 7.46
N ARG A 124 -19.14 -6.02 7.59
CA ARG A 124 -19.56 -4.85 6.84
C ARG A 124 -19.60 -3.65 7.77
N PRO A 125 -18.89 -2.56 7.46
CA PRO A 125 -19.00 -1.36 8.30
C PRO A 125 -20.36 -0.69 8.17
N THR A 126 -20.91 -0.28 9.31
CA THR A 126 -22.19 0.42 9.37
C THR A 126 -22.08 1.84 9.88
N GLY A 127 -21.19 2.12 10.84
CA GLY A 127 -21.10 3.45 11.39
C GLY A 127 -19.79 3.68 12.09
N THR A 128 -19.51 4.95 12.36
CA THR A 128 -18.30 5.35 13.06
C THR A 128 -18.62 6.45 14.07
N PHE A 129 -17.95 6.42 15.20
CA PHE A 129 -18.16 7.38 16.28
C PHE A 129 -16.89 7.45 17.12
N THR A 130 -16.89 8.36 18.09
CA THR A 130 -15.76 8.55 18.98
C THR A 130 -16.18 8.24 20.41
N VAL A 131 -15.29 7.57 21.14
CA VAL A 131 -15.50 7.19 22.53
C VAL A 131 -14.29 7.60 23.35
N VAL A 132 -14.42 7.50 24.66
CA VAL A 132 -13.34 7.77 25.61
C VAL A 132 -13.23 6.57 26.54
N MET A 133 -11.99 6.13 26.78
CA MET A 133 -11.73 5.08 27.77
C MET A 133 -12.07 5.60 29.15
N ARG A 134 -13.14 5.07 29.74
CA ARG A 134 -13.60 5.57 31.03
C ARG A 134 -12.67 5.15 32.16
N PRO A 135 -12.70 5.88 33.28
CA PRO A 135 -11.84 5.49 34.42
C PRO A 135 -12.08 4.08 34.92
N ASN A 136 -13.28 3.53 34.73
CA ASN A 136 -13.56 2.14 35.09
C ASN A 136 -13.28 1.17 33.94
N TYR A 137 -12.54 1.62 32.93
CA TYR A 137 -12.08 0.78 31.82
C TYR A 137 -13.24 0.19 31.03
N THR A 138 -14.25 1.02 30.76
CA THR A 138 -15.32 0.73 29.81
C THR A 138 -15.41 1.88 28.82
N ILE A 139 -16.25 1.74 27.80
CA ILE A 139 -16.55 2.82 26.88
C ILE A 139 -18.06 2.92 26.71
N LYS A 140 -18.51 4.10 26.31
CA LYS A 140 -19.93 4.39 26.11
C LYS A 140 -20.17 4.49 24.61
N GLY A 141 -20.37 3.32 23.99
CA GLY A 141 -20.50 3.21 22.55
C GLY A 141 -21.92 2.90 22.09
N SER A 142 -22.01 2.37 20.88
CA SER A 142 -23.29 1.95 20.31
C SER A 142 -23.06 0.63 19.57
N PHE A 143 -23.40 -0.47 20.24
CA PHE A 143 -23.15 -1.80 19.72
C PHE A 143 -24.38 -2.67 19.93
N LEU A 144 -24.73 -3.44 18.90
CA LEU A 144 -25.77 -4.46 18.97
C LEU A 144 -25.12 -5.83 18.78
N CYS A 145 -25.95 -6.85 18.61
CA CYS A 145 -25.43 -8.20 18.51
C CYS A 145 -24.69 -8.37 17.19
N GLY A 146 -23.52 -9.00 17.25
CA GLY A 146 -22.64 -9.08 16.10
C GLY A 146 -21.64 -7.95 16.00
N SER A 147 -21.60 -7.04 16.98
CA SER A 147 -20.66 -5.94 16.96
C SER A 147 -19.24 -6.36 17.33
N CYS A 148 -19.07 -7.55 17.92
CA CYS A 148 -17.75 -7.92 18.40
C CYS A 148 -16.78 -8.03 17.23
N GLY A 149 -15.52 -7.70 17.48
CA GLY A 149 -14.52 -7.55 16.45
C GLY A 149 -14.38 -6.17 15.86
N SER A 150 -15.41 -5.33 15.97
CA SER A 150 -15.29 -3.93 15.57
C SER A 150 -14.17 -3.28 16.37
N VAL A 151 -13.45 -2.37 15.73
CA VAL A 151 -12.16 -1.91 16.23
C VAL A 151 -12.17 -0.41 16.47
N GLY A 152 -11.44 0.01 17.50
CA GLY A 152 -11.24 1.41 17.81
C GLY A 152 -9.77 1.76 17.61
N TYR A 153 -9.54 2.94 17.03
CA TYR A 153 -8.21 3.26 16.50
C TYR A 153 -7.95 4.75 16.62
N THR A 154 -6.68 5.11 16.45
CA THR A 154 -6.27 6.50 16.24
C THR A 154 -5.31 6.54 15.06
N LYS A 155 -4.98 7.76 14.62
CA LYS A 155 -4.04 7.93 13.51
C LYS A 155 -3.06 9.09 13.77
N GLU A 156 -1.77 8.77 13.79
CA GLU A 156 -0.62 9.69 13.67
C GLU A 156 0.02 9.58 12.30
N GLY A 157 -0.04 10.67 11.53
CA GLY A 157 0.64 10.62 10.25
C GLY A 157 0.01 9.54 9.43
N SER A 158 0.86 8.68 8.89
CA SER A 158 0.41 7.54 8.08
C SER A 158 0.13 6.30 8.91
N VAL A 159 0.35 6.34 10.23
CA VAL A 159 0.33 5.16 11.08
C VAL A 159 -0.96 5.17 11.89
N ILE A 160 -1.69 4.07 11.81
CA ILE A 160 -2.91 3.85 12.59
C ILE A 160 -2.57 3.12 13.87
N ASN A 161 -3.03 3.64 14.99
CA ASN A 161 -2.86 2.96 16.28
C ASN A 161 -4.14 2.19 16.57
N PHE A 162 -4.05 0.86 16.58
CA PHE A 162 -5.18 0.00 16.89
C PHE A 162 -5.23 -0.23 18.40
N CYS A 163 -6.27 0.27 19.05
CA CYS A 163 -6.31 0.26 20.51
C CYS A 163 -7.44 -0.57 21.09
N TYR A 164 -8.41 -1.00 20.29
CA TYR A 164 -9.61 -1.60 20.87
C TYR A 164 -10.23 -2.59 19.90
N MET A 165 -10.64 -3.75 20.42
CA MET A 165 -11.51 -4.67 19.71
C MET A 165 -12.66 -5.03 20.63
N HIS A 166 -13.88 -4.74 20.18
CA HIS A 166 -15.06 -4.88 21.02
C HIS A 166 -15.36 -6.35 21.31
N GLN A 167 -15.83 -6.63 22.53
CA GLN A 167 -16.14 -8.01 22.90
C GLN A 167 -17.46 -8.20 23.64
N MET A 168 -17.93 -7.25 24.45
CA MET A 168 -19.06 -7.53 25.32
C MET A 168 -19.79 -6.24 25.67
N GLU A 169 -21.09 -6.36 25.93
CA GLU A 169 -21.88 -5.31 26.55
C GLU A 169 -22.24 -5.74 27.97
N LEU A 170 -21.86 -4.93 28.96
CA LEU A 170 -22.08 -5.28 30.36
C LEU A 170 -23.42 -4.78 30.88
N ALA A 171 -23.78 -3.54 30.54
CA ALA A 171 -25.05 -2.93 30.89
C ALA A 171 -25.49 -2.06 29.73
N ASN A 172 -26.64 -1.40 29.89
CA ASN A 172 -27.16 -0.55 28.82
C ASN A 172 -26.16 0.57 28.50
N GLY A 173 -25.71 0.61 27.25
CA GLY A 173 -24.77 1.62 26.80
C GLY A 173 -23.36 1.50 27.34
N THR A 174 -23.05 0.42 28.07
CA THR A 174 -21.72 0.22 28.64
C THR A 174 -21.06 -0.97 27.95
N HIS A 175 -19.86 -0.77 27.43
CA HIS A 175 -19.18 -1.76 26.62
C HIS A 175 -17.71 -1.82 26.98
N THR A 176 -17.05 -2.89 26.54
CA THR A 176 -15.61 -3.03 26.73
C THR A 176 -15.07 -3.98 25.68
N GLY A 177 -13.75 -4.10 25.68
CA GLY A 177 -13.07 -4.96 24.74
C GLY A 177 -11.63 -5.13 25.17
N SER A 178 -10.82 -5.66 24.25
CA SER A 178 -9.43 -5.96 24.55
C SER A 178 -8.51 -5.14 23.66
N ALA A 179 -7.28 -4.96 24.13
CA ALA A 179 -6.22 -4.45 23.30
C ALA A 179 -5.64 -5.58 22.46
N PHE A 180 -4.91 -5.23 21.41
CA PHE A 180 -4.42 -6.23 20.49
C PHE A 180 -3.21 -6.99 21.00
N ASP A 181 -2.78 -6.74 22.24
CA ASP A 181 -1.85 -7.65 22.89
C ASP A 181 -2.57 -8.85 23.47
N GLY A 182 -3.90 -8.79 23.56
CA GLY A 182 -4.73 -9.86 24.09
C GLY A 182 -5.39 -9.56 25.42
N THR A 183 -4.97 -8.52 26.14
CA THR A 183 -5.53 -8.25 27.46
C THR A 183 -6.80 -7.40 27.34
N MET A 184 -7.78 -7.69 28.18
CA MET A 184 -9.06 -6.99 28.17
C MET A 184 -9.01 -5.82 29.12
N TYR A 185 -9.47 -4.65 28.66
CA TYR A 185 -9.45 -3.45 29.47
C TYR A 185 -10.20 -3.68 30.78
N GLY A 186 -9.59 -3.29 31.89
CA GLY A 186 -10.22 -3.48 33.19
C GLY A 186 -10.27 -4.91 33.67
N ALA A 187 -9.60 -5.83 32.98
CA ALA A 187 -9.50 -7.23 33.37
C ALA A 187 -10.86 -7.94 33.39
N PHE A 188 -11.84 -7.42 32.64
CA PHE A 188 -13.10 -8.13 32.50
C PHE A 188 -12.85 -9.48 31.81
N MET A 189 -13.76 -10.42 32.04
CA MET A 189 -13.61 -11.79 31.54
C MET A 189 -14.64 -12.08 30.46
N ASP A 190 -14.19 -12.72 29.38
CA ASP A 190 -15.07 -13.05 28.26
C ASP A 190 -15.85 -14.32 28.57
N LYS A 191 -16.79 -14.17 29.50
CA LYS A 191 -17.72 -15.23 29.91
C LYS A 191 -19.03 -14.55 30.28
N GLN A 192 -20.15 -15.07 29.79
CA GLN A 192 -21.43 -14.41 30.06
C GLN A 192 -21.83 -14.72 31.49
N VAL A 193 -21.18 -13.99 32.41
CA VAL A 193 -21.44 -14.00 33.84
C VAL A 193 -21.54 -12.55 34.27
N HIS A 194 -22.22 -12.31 35.39
CA HIS A 194 -22.36 -10.93 35.86
C HIS A 194 -21.03 -10.40 36.39
N GLN A 195 -20.62 -9.24 35.86
CA GLN A 195 -19.37 -8.59 36.25
C GLN A 195 -19.68 -7.14 36.61
N VAL A 196 -19.44 -6.79 37.87
CA VAL A 196 -19.71 -5.44 38.34
C VAL A 196 -18.55 -4.53 37.94
N GLN A 197 -18.85 -3.29 37.62
CA GLN A 197 -17.84 -2.34 37.19
C GLN A 197 -17.36 -1.50 38.37
N LEU A 198 -16.15 -0.97 38.23
CA LEU A 198 -15.66 -0.02 39.21
C LEU A 198 -16.37 1.32 39.01
N THR A 199 -16.08 2.27 39.89
CA THR A 199 -16.83 3.52 39.84
C THR A 199 -16.31 4.43 38.72
N ASP A 200 -17.26 5.03 38.01
CA ASP A 200 -16.90 5.98 36.97
C ASP A 200 -16.49 7.30 37.58
N LYS A 201 -15.61 8.01 36.89
CA LYS A 201 -15.10 9.29 37.37
C LYS A 201 -15.04 10.26 36.22
N TYR A 202 -15.06 11.55 36.56
CA TYR A 202 -14.79 12.59 35.58
C TYR A 202 -13.30 12.61 35.27
N CYS A 203 -12.97 12.68 33.98
CA CYS A 203 -11.58 12.74 33.55
C CYS A 203 -11.17 14.20 33.53
N SER A 204 -10.39 14.59 34.54
CA SER A 204 -10.10 16.00 34.80
C SER A 204 -9.42 16.68 33.63
N VAL A 205 -8.38 16.03 33.08
CA VAL A 205 -7.62 16.62 31.98
C VAL A 205 -8.53 16.96 30.81
N ASN A 206 -9.52 16.12 30.54
CA ASN A 206 -10.42 16.36 29.42
C ASN A 206 -11.37 17.51 29.70
N VAL A 207 -11.84 17.65 30.94
CA VAL A 207 -12.67 18.80 31.29
C VAL A 207 -11.87 20.09 31.15
N VAL A 208 -10.59 20.03 31.51
CA VAL A 208 -9.72 21.20 31.36
C VAL A 208 -9.59 21.57 29.88
N ALA A 209 -9.38 20.57 29.03
CA ALA A 209 -9.32 20.82 27.58
C ALA A 209 -10.62 21.43 27.08
N TRP A 210 -11.76 20.95 27.58
CA TRP A 210 -13.04 21.45 27.13
C TRP A 210 -13.25 22.90 27.57
N LEU A 211 -12.77 23.24 28.76
CA LEU A 211 -12.84 24.62 29.22
C LEU A 211 -11.95 25.52 28.37
N TYR A 212 -10.76 25.03 27.99
CA TYR A 212 -9.90 25.77 27.09
C TYR A 212 -10.58 25.99 25.74
N ALA A 213 -11.31 24.98 25.26
CA ALA A 213 -12.07 25.14 24.03
C ALA A 213 -13.11 26.24 24.17
N ALA A 214 -13.85 26.23 25.29
CA ALA A 214 -14.84 27.27 25.53
C ALA A 214 -14.24 28.66 25.55
N ILE A 215 -13.07 28.82 26.18
CA ILE A 215 -12.42 30.13 26.20
C ILE A 215 -12.12 30.59 24.78
N LEU A 216 -11.55 29.69 23.99
CA LEU A 216 -11.16 29.99 22.62
C LEU A 216 -12.34 30.21 21.68
N ASN A 217 -13.58 30.01 22.16
CA ASN A 217 -14.78 30.34 21.39
C ASN A 217 -15.49 31.56 21.96
N GLY A 218 -14.75 32.42 22.67
CA GLY A 218 -15.33 33.63 23.21
C GLY A 218 -16.23 33.37 24.40
N CYS A 219 -16.08 32.22 25.04
CA CYS A 219 -16.91 31.82 26.17
C CYS A 219 -16.01 31.60 27.38
N ALA A 220 -15.93 32.59 28.26
CA ALA A 220 -15.01 32.48 29.39
C ALA A 220 -15.54 33.16 30.64
N TRP A 221 -16.87 33.17 30.81
CA TRP A 221 -17.44 33.77 32.03
C TRP A 221 -16.99 33.02 33.27
N PHE A 222 -16.64 31.73 33.13
CA PHE A 222 -16.25 30.90 34.25
C PHE A 222 -14.83 31.18 34.73
N VAL A 223 -14.07 32.01 34.02
CA VAL A 223 -12.70 32.29 34.42
C VAL A 223 -12.72 33.36 35.51
N LYS A 224 -12.16 33.04 36.69
CA LYS A 224 -11.90 33.94 37.83
C LYS A 224 -10.39 34.08 37.98
N PRO A 225 -9.93 35.11 38.70
CA PRO A 225 -8.49 35.19 39.00
C PRO A 225 -8.01 34.11 39.96
N ASN A 226 -8.93 33.48 40.71
CA ASN A 226 -8.60 32.49 41.72
C ASN A 226 -7.78 31.33 41.15
N ARG A 227 -6.99 30.69 42.02
CA ARG A 227 -6.15 29.56 41.64
C ARG A 227 -6.39 28.38 42.57
N THR A 228 -6.08 27.19 42.05
CA THR A 228 -6.14 25.95 42.83
C THR A 228 -5.05 25.03 42.31
N SER A 229 -4.05 24.76 43.14
CA SER A 229 -2.94 23.88 42.78
C SER A 229 -3.43 22.53 42.28
N VAL A 230 -2.58 21.88 41.48
CA VAL A 230 -2.85 20.51 41.04
C VAL A 230 -2.91 19.59 42.24
N VAL A 231 -2.14 19.88 43.30
CA VAL A 231 -2.20 19.03 44.48
C VAL A 231 -3.51 19.25 45.25
N SER A 232 -4.01 20.50 45.38
CA SER A 232 -5.37 20.64 45.94
C SER A 232 -6.43 20.01 45.04
N PHE A 233 -6.26 20.10 43.74
CA PHE A 233 -7.30 19.54 42.92
C PHE A 233 -7.28 18.02 42.96
N ASN A 234 -6.10 17.42 43.09
CA ASN A 234 -6.04 15.97 43.16
C ASN A 234 -6.58 15.46 44.49
N GLU A 235 -6.26 16.14 45.60
CA GLU A 235 -6.84 15.75 46.88
C GLU A 235 -8.36 15.90 46.87
N TRP A 236 -8.86 17.00 46.29
CA TRP A 236 -10.29 17.16 46.12
C TRP A 236 -10.87 16.10 45.20
N ALA A 237 -10.09 15.67 44.20
CA ALA A 237 -10.61 14.77 43.17
C ALA A 237 -10.86 13.36 43.71
N LEU A 238 -9.96 12.85 44.55
CA LEU A 238 -10.11 11.48 45.06
C LEU A 238 -11.33 11.34 45.95
N ALA A 239 -11.95 12.45 46.35
CA ALA A 239 -13.15 12.42 47.17
C ALA A 239 -14.41 12.83 46.42
N ASN A 240 -14.30 13.41 45.23
CA ASN A 240 -15.47 13.80 44.44
C ASN A 240 -15.49 13.11 43.08
N GLN A 241 -14.93 11.91 42.99
CA GLN A 241 -15.00 11.08 41.79
C GLN A 241 -14.51 11.82 40.55
N PHE A 242 -13.30 12.38 40.66
CA PHE A 242 -12.58 12.93 39.53
C PHE A 242 -11.25 12.20 39.38
N THR A 243 -10.75 12.14 38.16
CA THR A 243 -9.45 11.53 37.98
C THR A 243 -8.38 12.50 38.46
N GLU A 244 -7.24 11.95 38.86
CA GLU A 244 -6.15 12.81 39.29
C GLU A 244 -5.53 13.47 38.05
N PHE A 245 -5.46 14.80 38.07
CA PHE A 245 -4.97 15.58 36.94
C PHE A 245 -3.47 15.39 36.72
N VAL A 246 -3.08 15.23 35.45
CA VAL A 246 -1.67 15.16 35.05
C VAL A 246 -1.50 16.00 33.79
N GLY A 247 -0.63 17.02 33.87
CA GLY A 247 -0.40 17.91 32.74
C GLY A 247 0.41 17.28 31.63
N THR A 248 0.19 17.80 30.42
CA THR A 248 0.92 17.47 29.19
C THR A 248 1.16 18.76 28.42
N GLN A 249 2.04 18.70 27.40
CA GLN A 249 2.30 19.91 26.62
C GLN A 249 1.08 20.36 25.88
N SER A 250 0.19 19.43 25.57
CA SER A 250 -1.02 19.78 24.85
C SER A 250 -1.86 20.74 25.66
N VAL A 251 -2.07 20.43 26.94
CA VAL A 251 -2.72 21.37 27.84
C VAL A 251 -1.90 22.64 27.98
N ASP A 252 -0.57 22.51 28.01
CA ASP A 252 0.28 23.69 28.17
C ASP A 252 0.24 24.59 26.94
N MET A 253 0.15 24.00 25.75
CA MET A 253 -0.07 24.79 24.55
C MET A 253 -1.38 25.55 24.64
N LEU A 254 -2.44 24.87 25.09
CA LEU A 254 -3.73 25.53 25.29
C LEU A 254 -3.61 26.65 26.31
N ALA A 255 -2.89 26.39 27.41
CA ALA A 255 -2.79 27.39 28.48
C ALA A 255 -2.11 28.67 28.01
N VAL A 256 -1.02 28.57 27.25
CA VAL A 256 -0.32 29.78 26.82
C VAL A 256 -1.15 30.56 25.79
N LYS A 257 -1.87 29.88 24.89
CA LYS A 257 -2.61 30.64 23.90
C LYS A 257 -3.87 31.27 24.49
N THR A 258 -4.42 30.69 25.55
CA THR A 258 -5.57 31.33 26.19
C THR A 258 -5.15 32.36 27.21
N GLY A 259 -3.89 32.34 27.65
CA GLY A 259 -3.50 33.20 28.75
C GLY A 259 -4.21 32.87 30.03
N VAL A 260 -4.76 31.66 30.13
CA VAL A 260 -5.49 31.18 31.30
C VAL A 260 -4.72 29.99 31.86
N ALA A 261 -4.39 30.03 33.14
CA ALA A 261 -3.62 28.98 33.78
C ALA A 261 -4.50 27.76 34.08
N ILE A 262 -3.85 26.59 34.12
CA ILE A 262 -4.56 25.36 34.45
C ILE A 262 -5.25 25.48 35.80
N GLU A 263 -4.56 26.07 36.79
CA GLU A 263 -5.09 26.13 38.15
C GLU A 263 -6.39 26.93 38.20
N GLN A 264 -6.49 27.98 37.39
CA GLN A 264 -7.73 28.73 37.30
C GLN A 264 -8.89 27.83 36.86
N LEU A 265 -8.66 26.98 35.87
CA LEU A 265 -9.72 26.10 35.38
C LEU A 265 -10.01 24.96 36.35
N LEU A 266 -9.03 24.55 37.15
CA LEU A 266 -9.31 23.58 38.21
C LEU A 266 -10.23 24.18 39.27
N TYR A 267 -9.95 25.42 39.67
CA TYR A 267 -10.87 26.13 40.56
C TYR A 267 -12.25 26.24 39.93
N ALA A 268 -12.31 26.56 38.63
CA ALA A 268 -13.59 26.65 37.96
C ALA A 268 -14.33 25.32 37.99
N ILE A 269 -13.60 24.21 37.82
CA ILE A 269 -14.23 22.89 37.87
C ILE A 269 -14.78 22.61 39.27
N GLN A 270 -14.00 22.91 40.31
CA GLN A 270 -14.46 22.73 41.67
C GLN A 270 -15.78 23.48 41.90
N GLN A 271 -15.91 24.66 41.30
CA GLN A 271 -17.12 25.45 41.48
C GLN A 271 -18.25 24.97 40.58
N LEU A 272 -17.92 24.41 39.41
CA LEU A 272 -18.94 24.02 38.43
C LEU A 272 -19.51 22.63 38.65
N TYR A 273 -18.82 21.76 39.40
CA TYR A 273 -19.37 20.44 39.66
C TYR A 273 -20.70 20.53 40.41
N THR A 274 -20.89 21.63 41.15
CA THR A 274 -22.14 21.88 41.87
C THR A 274 -23.29 22.18 40.91
N GLY A 275 -23.08 23.11 40.00
CA GLY A 275 -24.15 23.56 39.14
C GLY A 275 -23.68 24.75 38.33
N PHE A 276 -24.24 24.91 37.14
CA PHE A 276 -23.77 25.92 36.20
C PHE A 276 -24.43 27.27 36.36
N GLN A 277 -25.20 27.44 37.46
CA GLN A 277 -25.88 28.72 37.74
C GLN A 277 -26.76 29.09 36.55
N GLY A 278 -27.43 28.11 35.95
CA GLY A 278 -28.30 28.42 34.83
C GLY A 278 -27.58 28.85 33.57
N LYS A 279 -26.24 28.86 33.60
CA LYS A 279 -25.40 29.25 32.48
C LYS A 279 -25.18 28.09 31.52
N GLN A 280 -24.67 28.41 30.34
CA GLN A 280 -24.28 27.41 29.38
C GLN A 280 -22.81 27.60 29.03
N ILE A 281 -22.15 26.49 28.73
CA ILE A 281 -20.77 26.49 28.25
C ILE A 281 -20.76 25.63 26.98
N LEU A 282 -20.55 26.27 25.84
CA LEU A 282 -20.61 25.60 24.53
C LEU A 282 -21.88 24.78 24.39
N GLY A 283 -22.99 25.33 24.86
CA GLY A 283 -24.28 24.70 24.69
C GLY A 283 -24.63 23.48 25.52
N SER A 284 -24.03 23.32 26.69
CA SER A 284 -24.48 22.31 27.66
C SER A 284 -24.35 22.76 29.11
N THR A 285 -25.22 22.14 29.91
CA THR A 285 -25.38 22.31 31.34
C THR A 285 -24.66 21.22 32.13
N MET A 286 -23.72 20.54 31.49
CA MET A 286 -22.89 19.54 32.17
C MET A 286 -21.43 19.81 31.86
N LEU A 287 -20.55 19.29 32.71
CA LEU A 287 -19.12 19.29 32.41
C LEU A 287 -18.86 18.24 31.33
N GLU A 288 -17.99 18.56 30.40
CA GLU A 288 -17.71 17.67 29.28
C GLU A 288 -16.28 17.17 29.35
N ASP A 289 -16.13 15.84 29.43
CA ASP A 289 -14.83 15.19 29.46
C ASP A 289 -14.61 14.32 28.22
N GLU A 290 -15.45 14.52 27.19
CA GLU A 290 -15.34 13.74 25.96
C GLU A 290 -14.27 14.28 25.03
N PHE A 291 -13.62 15.37 25.39
CA PHE A 291 -12.68 16.06 24.52
C PHE A 291 -11.31 16.12 25.19
N THR A 292 -10.30 15.56 24.53
CA THR A 292 -8.93 15.52 24.99
C THR A 292 -8.20 16.80 24.57
N PRO A 293 -7.08 17.12 25.23
CA PRO A 293 -6.29 18.28 24.80
C PRO A 293 -5.86 18.23 23.35
N GLU A 294 -5.42 17.07 22.87
CA GLU A 294 -5.04 16.94 21.47
C GLU A 294 -6.24 17.17 20.56
N ASP A 295 -7.41 16.66 20.95
CA ASP A 295 -8.62 16.87 20.14
C ASP A 295 -8.96 18.34 20.05
N VAL A 296 -8.89 19.06 21.18
CA VAL A 296 -9.21 20.48 21.17
C VAL A 296 -8.21 21.24 20.32
N ASN A 297 -6.92 20.91 20.46
CA ASN A 297 -5.88 21.52 19.64
C ASN A 297 -6.18 21.35 18.15
N MET A 298 -6.50 20.12 17.75
CA MET A 298 -6.70 19.84 16.33
C MET A 298 -7.97 20.52 15.80
N GLN A 299 -9.03 20.58 16.61
CA GLN A 299 -10.28 21.12 16.12
C GLN A 299 -10.32 22.65 16.09
N ILE A 300 -9.67 23.31 17.03
CA ILE A 300 -9.77 24.76 17.15
C ILE A 300 -8.57 25.47 16.52
N MET A 301 -7.37 24.95 16.71
CA MET A 301 -6.18 25.58 16.18
C MET A 301 -5.57 24.84 14.99
N GLY A 302 -6.02 23.61 14.70
CA GLY A 302 -5.50 22.89 13.58
C GLY A 302 -4.14 22.26 13.84
N VAL A 303 -3.73 22.18 15.10
CA VAL A 303 -2.47 21.54 15.48
C VAL A 303 -2.75 20.08 15.76
N VAL A 304 -2.51 19.23 14.77
CA VAL A 304 -2.76 17.79 14.90
C VAL A 304 -1.48 17.08 15.32
N SER B 1 -26.80 -1.88 22.33
CA SER B 1 -27.38 -0.74 23.02
C SER B 1 -26.44 0.46 23.00
N GLY B 2 -26.94 1.61 23.42
CA GLY B 2 -26.14 2.81 23.43
C GLY B 2 -26.52 3.75 22.30
N LEU B 3 -26.39 5.05 22.56
CA LEU B 3 -26.70 6.08 21.57
C LEU B 3 -25.56 7.08 21.54
N VAL B 4 -24.96 7.27 20.36
CA VAL B 4 -23.85 8.19 20.17
C VAL B 4 -24.13 9.00 18.91
N LYS B 5 -23.37 10.07 18.74
CA LYS B 5 -23.39 10.78 17.47
C LYS B 5 -22.58 9.96 16.46
N MET B 6 -23.28 9.34 15.52
CA MET B 6 -22.67 8.37 14.63
C MET B 6 -22.79 8.84 13.18
N SER B 7 -21.69 8.77 12.45
CA SER B 7 -21.62 9.14 11.04
C SER B 7 -21.35 7.90 10.19
N HIS B 8 -21.67 8.02 8.91
CA HIS B 8 -21.48 6.94 7.96
C HIS B 8 -20.00 6.80 7.63
N PRO B 9 -19.51 5.57 7.46
CA PRO B 9 -18.12 5.37 7.02
C PRO B 9 -17.84 6.17 5.75
N SER B 10 -16.67 6.81 5.72
CA SER B 10 -16.40 7.90 4.78
C SER B 10 -15.53 7.50 3.60
N GLY B 11 -15.06 6.25 3.55
CA GLY B 11 -14.18 5.84 2.47
C GLY B 11 -14.74 6.16 1.11
N ASP B 12 -16.02 5.84 0.89
CA ASP B 12 -16.71 6.21 -0.34
C ASP B 12 -16.44 7.66 -0.73
N VAL B 13 -16.51 8.56 0.25
CA VAL B 13 -16.39 9.98 -0.04
C VAL B 13 -14.94 10.46 0.03
N GLU B 14 -14.10 9.83 0.88
CA GLU B 14 -12.67 10.14 0.88
C GLU B 14 -12.09 9.99 -0.52
N ALA B 15 -12.50 8.97 -1.25
CA ALA B 15 -12.05 8.72 -2.60
C ALA B 15 -12.55 9.76 -3.60
N CYS B 16 -13.33 10.74 -3.16
CA CYS B 16 -13.90 11.75 -4.05
C CYS B 16 -13.46 13.17 -3.69
N MET B 17 -12.55 13.34 -2.73
CA MET B 17 -12.14 14.66 -2.31
C MET B 17 -10.89 15.08 -3.07
N VAL B 18 -10.88 16.31 -3.57
CA VAL B 18 -9.75 16.88 -4.30
C VAL B 18 -9.56 18.32 -3.82
N GLN B 19 -8.43 18.90 -4.23
CA GLN B 19 -8.11 20.29 -3.94
C GLN B 19 -8.33 21.12 -5.19
N VAL B 20 -9.05 22.23 -5.05
CA VAL B 20 -9.33 23.15 -6.15
C VAL B 20 -8.62 24.46 -5.87
N THR B 21 -7.83 24.93 -6.84
CA THR B 21 -7.07 26.16 -6.71
C THR B 21 -7.38 27.08 -7.89
N CYS B 22 -7.74 28.32 -7.58
CA CYS B 22 -8.02 29.33 -8.61
C CYS B 22 -7.33 30.63 -8.21
N GLY B 23 -6.28 30.99 -8.93
CA GLY B 23 -5.57 32.20 -8.56
C GLY B 23 -4.81 32.03 -7.26
N SER B 24 -5.24 32.79 -6.27
CA SER B 24 -4.55 32.78 -4.96
C SER B 24 -5.47 32.19 -3.90
N MET B 25 -6.52 31.53 -4.36
CA MET B 25 -7.51 30.98 -3.43
C MET B 25 -7.58 29.47 -3.66
N THR B 26 -7.43 28.68 -2.59
CA THR B 26 -7.56 27.21 -2.69
C THR B 26 -8.62 26.73 -1.70
N LEU B 27 -9.33 25.66 -2.04
CA LEU B 27 -10.32 25.04 -1.17
C LEU B 27 -10.51 23.60 -1.61
N ASN B 28 -11.58 22.97 -1.12
CA ASN B 28 -11.84 21.56 -1.40
C ASN B 28 -12.92 21.41 -2.47
N GLY B 29 -12.88 20.28 -3.17
CA GLY B 29 -13.85 20.00 -4.20
C GLY B 29 -14.20 18.53 -4.22
N LEU B 30 -15.39 18.24 -4.75
CA LEU B 30 -15.93 16.89 -4.81
C LEU B 30 -15.83 16.38 -6.25
N TRP B 31 -15.15 15.25 -6.43
CA TRP B 31 -14.83 14.72 -7.75
C TRP B 31 -15.73 13.51 -8.01
N LEU B 32 -16.75 13.71 -8.85
CA LEU B 32 -17.68 12.66 -9.24
C LEU B 32 -17.67 12.53 -10.76
N ASP B 33 -17.34 11.33 -11.26
CA ASP B 33 -17.21 11.07 -12.68
C ASP B 33 -16.26 12.07 -13.33
N ASN B 34 -16.73 12.81 -14.33
CA ASN B 34 -15.91 13.78 -15.03
C ASN B 34 -16.14 15.20 -14.53
N THR B 35 -16.69 15.33 -13.33
CA THR B 35 -17.04 16.63 -12.76
C THR B 35 -16.39 16.84 -11.40
N VAL B 36 -15.99 18.09 -11.15
CA VAL B 36 -15.48 18.53 -9.85
C VAL B 36 -16.34 19.72 -9.41
N TRP B 37 -17.05 19.56 -8.30
CA TRP B 37 -17.83 20.64 -7.72
C TRP B 37 -16.99 21.36 -6.67
N CYS B 38 -17.09 22.69 -6.64
CA CYS B 38 -16.40 23.48 -5.64
C CYS B 38 -17.16 24.78 -5.44
N PRO B 39 -16.95 25.45 -4.31
CA PRO B 39 -17.60 26.76 -4.12
C PRO B 39 -17.15 27.76 -5.17
N ARG B 40 -18.08 28.60 -5.60
CA ARG B 40 -17.76 29.57 -6.65
C ARG B 40 -16.96 30.75 -6.12
N HIS B 41 -17.00 31.02 -4.81
CA HIS B 41 -16.19 32.11 -4.28
C HIS B 41 -14.68 31.83 -4.31
N VAL B 42 -14.25 30.67 -4.81
CA VAL B 42 -12.83 30.46 -5.09
C VAL B 42 -12.35 31.42 -6.19
N MET B 43 -13.27 31.96 -7.00
CA MET B 43 -12.88 32.85 -8.11
C MET B 43 -12.84 34.28 -7.61
N CYS B 44 -13.41 34.53 -6.46
CA CYS B 44 -13.51 35.93 -5.97
C CYS B 44 -12.17 36.37 -5.42
N PRO B 45 -11.52 37.40 -5.98
CA PRO B 45 -10.17 37.76 -5.57
C PRO B 45 -9.93 38.29 -4.15
N ALA B 46 -10.72 37.89 -3.16
CA ALA B 46 -10.50 38.23 -1.74
C ALA B 46 -10.86 39.66 -1.39
N ASP B 47 -10.97 40.52 -2.40
CA ASP B 47 -11.23 41.95 -2.15
C ASP B 47 -12.53 42.25 -2.87
N GLN B 48 -13.02 41.27 -3.65
CA GLN B 48 -14.35 41.59 -4.16
C GLN B 48 -15.37 40.81 -3.34
N LEU B 49 -14.96 40.54 -2.12
CA LEU B 49 -15.73 39.70 -1.26
C LEU B 49 -16.96 40.40 -0.71
N SER B 50 -17.05 41.72 -0.86
CA SER B 50 -18.22 42.45 -0.38
C SER B 50 -19.25 42.65 -1.48
N ASP B 51 -18.81 42.92 -2.71
CA ASP B 51 -19.68 42.89 -3.88
C ASP B 51 -19.01 42.07 -4.98
N PRO B 52 -19.20 40.75 -4.98
CA PRO B 52 -18.61 39.92 -6.05
C PRO B 52 -19.51 39.86 -7.28
N ASN B 53 -18.92 39.94 -8.47
CA ASN B 53 -19.66 39.79 -9.72
C ASN B 53 -19.27 38.44 -10.30
N TYR B 54 -20.01 37.40 -9.89
CA TYR B 54 -19.64 36.05 -10.25
C TYR B 54 -19.77 35.82 -11.75
N ASP B 55 -20.72 36.48 -12.41
CA ASP B 55 -20.83 36.39 -13.86
C ASP B 55 -19.56 36.93 -14.52
N ALA B 56 -19.14 38.13 -14.14
CA ALA B 56 -17.93 38.72 -14.70
C ALA B 56 -16.70 37.90 -14.31
N LEU B 57 -16.68 37.41 -13.07
CA LEU B 57 -15.55 36.60 -12.63
C LEU B 57 -15.46 35.31 -13.43
N LEU B 58 -16.59 34.75 -13.85
CA LEU B 58 -16.58 33.51 -14.60
C LEU B 58 -16.13 33.72 -16.04
N ILE B 59 -16.71 34.73 -16.71
CA ILE B 59 -16.31 34.98 -18.10
C ILE B 59 -14.85 35.38 -18.16
N SER B 60 -14.32 35.94 -17.07
CA SER B 60 -12.91 36.28 -16.95
C SER B 60 -12.01 35.04 -16.95
N MET B 61 -12.56 33.87 -16.68
CA MET B 61 -11.77 32.69 -16.38
C MET B 61 -11.55 31.84 -17.63
N THR B 62 -10.41 31.17 -17.66
CA THR B 62 -10.11 30.15 -18.66
C THR B 62 -10.01 28.80 -17.96
N ASN B 63 -9.88 27.75 -18.77
CA ASN B 63 -9.72 26.44 -18.15
C ASN B 63 -8.37 26.23 -17.48
N HIS B 64 -7.32 27.01 -17.79
CA HIS B 64 -6.14 26.77 -16.95
C HIS B 64 -6.11 27.66 -15.71
N SER B 65 -7.10 28.54 -15.53
CA SER B 65 -7.18 29.29 -14.28
C SER B 65 -7.41 28.38 -13.08
N PHE B 66 -7.84 27.14 -13.31
CA PHE B 66 -8.17 26.21 -12.25
C PHE B 66 -7.17 25.06 -12.24
N SER B 67 -6.76 24.67 -11.04
CA SER B 67 -5.88 23.52 -10.83
C SER B 67 -6.55 22.59 -9.84
N VAL B 68 -6.61 21.31 -10.17
CA VAL B 68 -7.24 20.30 -9.34
C VAL B 68 -6.18 19.24 -9.05
N GLN B 69 -6.00 18.94 -7.77
CA GLN B 69 -4.97 18.01 -7.34
C GLN B 69 -5.57 16.99 -6.38
N LYS B 70 -5.08 15.77 -6.48
CA LYS B 70 -5.55 14.67 -5.66
C LYS B 70 -4.39 14.21 -4.81
N HIS B 71 -4.53 14.35 -3.49
CA HIS B 71 -3.45 14.06 -2.56
C HIS B 71 -3.61 12.71 -1.88
N ILE B 72 -4.80 12.15 -1.94
CA ILE B 72 -5.14 10.88 -1.30
C ILE B 72 -5.08 9.80 -2.38
N GLY B 73 -4.69 8.59 -1.97
CA GLY B 73 -4.63 7.45 -2.87
C GLY B 73 -3.61 7.56 -3.98
N ALA B 74 -4.06 7.55 -5.24
CA ALA B 74 -3.16 7.69 -6.38
C ALA B 74 -3.13 9.15 -6.80
N PRO B 75 -2.05 9.89 -6.52
CA PRO B 75 -2.03 11.31 -6.88
C PRO B 75 -1.97 11.54 -8.38
N ALA B 76 -2.53 12.67 -8.80
CA ALA B 76 -2.47 13.13 -10.18
C ALA B 76 -2.96 14.57 -10.25
N ASN B 77 -2.46 15.28 -11.24
CA ASN B 77 -3.05 16.55 -11.65
C ASN B 77 -4.09 16.25 -12.73
N LEU B 78 -5.22 16.91 -12.63
CA LEU B 78 -6.32 16.70 -13.54
C LEU B 78 -6.48 17.93 -14.40
N ARG B 79 -6.41 17.74 -15.72
CA ARG B 79 -6.58 18.87 -16.59
C ARG B 79 -8.04 19.25 -16.71
N VAL B 80 -8.33 20.54 -16.48
CA VAL B 80 -9.69 21.04 -16.51
C VAL B 80 -10.03 21.40 -17.96
N VAL B 81 -11.09 20.78 -18.47
CA VAL B 81 -11.50 20.95 -19.86
C VAL B 81 -12.75 21.80 -19.97
N GLY B 82 -13.35 22.20 -18.85
CA GLY B 82 -14.49 23.08 -18.86
C GLY B 82 -14.80 23.69 -17.51
N HIS B 83 -15.34 24.91 -17.52
CA HIS B 83 -15.76 25.60 -16.31
C HIS B 83 -17.17 26.12 -16.52
N ALA B 84 -18.04 25.88 -15.53
CA ALA B 84 -19.41 26.37 -15.58
C ALA B 84 -19.84 26.78 -14.18
N MET B 85 -20.87 27.62 -14.12
CA MET B 85 -21.45 28.07 -12.87
C MET B 85 -22.88 27.57 -12.74
N GLN B 86 -23.23 27.13 -11.53
CA GLN B 86 -24.59 26.66 -11.23
C GLN B 86 -24.96 27.18 -9.85
N GLY B 87 -25.82 28.18 -9.81
CA GLY B 87 -26.17 28.81 -8.54
C GLY B 87 -24.93 29.35 -7.86
N THR B 88 -24.62 28.81 -6.70
CA THR B 88 -23.47 29.24 -5.91
C THR B 88 -22.29 28.27 -6.00
N LEU B 89 -22.28 27.38 -6.98
CA LEU B 89 -21.23 26.38 -7.12
C LEU B 89 -20.59 26.48 -8.49
N LEU B 90 -19.33 26.02 -8.56
CA LEU B 90 -18.63 25.85 -9.83
C LEU B 90 -18.61 24.38 -10.17
N LYS B 91 -19.02 24.06 -11.40
CA LYS B 91 -18.90 22.71 -11.94
C LYS B 91 -17.79 22.72 -12.98
N LEU B 92 -16.69 22.02 -12.68
CA LEU B 92 -15.54 21.95 -13.57
C LEU B 92 -15.49 20.59 -14.24
N THR B 93 -15.46 20.60 -15.57
CA THR B 93 -15.33 19.39 -16.36
C THR B 93 -13.85 19.03 -16.47
N VAL B 94 -13.52 17.77 -16.20
CA VAL B 94 -12.15 17.31 -16.20
C VAL B 94 -12.00 16.17 -17.21
N ASP B 95 -10.77 15.94 -17.66
CA ASP B 95 -10.50 14.98 -18.72
C ASP B 95 -10.58 13.53 -18.24
N VAL B 96 -10.44 13.27 -16.95
CA VAL B 96 -10.44 11.92 -16.40
C VAL B 96 -11.66 11.74 -15.53
N ALA B 97 -12.33 10.60 -15.68
CA ALA B 97 -13.45 10.24 -14.84
C ALA B 97 -12.93 9.55 -13.59
N ASN B 98 -13.46 9.95 -12.45
CA ASN B 98 -13.04 9.38 -11.18
C ASN B 98 -13.34 7.89 -11.13
N PRO B 99 -12.34 7.02 -11.06
CA PRO B 99 -12.62 5.58 -11.00
C PRO B 99 -13.28 5.17 -9.70
N SER B 100 -13.22 6.02 -8.66
CA SER B 100 -13.82 5.70 -7.37
C SER B 100 -15.13 6.45 -7.17
N THR B 101 -15.84 6.77 -8.24
CA THR B 101 -17.13 7.44 -8.11
C THR B 101 -18.19 6.44 -7.65
N PRO B 102 -18.87 6.68 -6.52
CA PRO B 102 -19.94 5.80 -6.09
C PRO B 102 -21.28 6.18 -6.72
N ALA B 103 -22.25 5.29 -6.54
CA ALA B 103 -23.63 5.62 -6.89
C ALA B 103 -24.08 6.78 -6.01
N TYR B 104 -24.60 7.84 -6.64
CA TYR B 104 -24.90 9.04 -5.88
C TYR B 104 -26.17 9.72 -6.38
N THR B 105 -26.63 10.65 -5.55
CA THR B 105 -27.82 11.46 -5.79
C THR B 105 -27.50 12.89 -5.36
N PHE B 106 -28.32 13.82 -5.85
CA PHE B 106 -28.29 15.21 -5.40
C PHE B 106 -29.71 15.57 -4.98
N THR B 107 -30.05 15.36 -3.71
CA THR B 107 -31.35 15.77 -3.19
C THR B 107 -31.16 16.69 -1.99
N THR B 108 -31.98 17.73 -1.94
CA THR B 108 -31.91 18.73 -0.88
C THR B 108 -32.64 18.26 0.36
N VAL B 109 -31.95 18.23 1.48
CA VAL B 109 -32.59 17.87 2.74
C VAL B 109 -33.32 19.09 3.30
N LYS B 110 -34.40 18.83 4.05
CA LYS B 110 -35.20 19.80 4.80
C LYS B 110 -34.68 19.88 6.23
N PRO B 111 -35.07 20.91 6.99
CA PRO B 111 -34.66 20.96 8.40
C PRO B 111 -35.12 19.73 9.16
N GLY B 112 -34.30 19.31 10.13
CA GLY B 112 -34.55 18.12 10.91
C GLY B 112 -33.83 16.88 10.41
N ALA B 113 -33.42 16.87 9.15
CA ALA B 113 -32.68 15.74 8.58
C ALA B 113 -31.23 15.78 9.02
N ALA B 114 -30.60 14.61 9.05
CA ALA B 114 -29.21 14.47 9.48
C ALA B 114 -28.34 13.97 8.33
N PHE B 115 -27.08 14.40 8.34
CA PHE B 115 -26.12 13.87 7.38
C PHE B 115 -24.72 13.89 7.97
N SER B 116 -23.89 12.97 7.50
CA SER B 116 -22.49 12.89 7.89
C SER B 116 -21.69 13.91 7.10
N VAL B 117 -20.83 14.63 7.81
CA VAL B 117 -19.98 15.64 7.20
C VAL B 117 -18.55 15.12 7.19
N LEU B 118 -17.86 15.27 6.06
CA LEU B 118 -16.45 14.96 5.96
C LEU B 118 -15.68 16.29 5.80
N ALA B 119 -15.01 16.69 6.88
CA ALA B 119 -14.26 17.94 6.87
C ALA B 119 -12.91 17.74 6.20
N CYS B 120 -12.57 18.62 5.27
CA CYS B 120 -11.33 18.50 4.51
C CYS B 120 -10.59 19.84 4.49
N TYR B 121 -9.28 19.75 4.27
CA TYR B 121 -8.39 20.89 4.10
C TYR B 121 -7.35 20.52 3.07
N ASN B 122 -7.16 21.38 2.07
CA ASN B 122 -6.29 21.11 0.92
C ASN B 122 -6.56 19.73 0.33
N GLY B 123 -7.85 19.41 0.16
CA GLY B 123 -8.23 18.14 -0.43
C GLY B 123 -7.95 16.92 0.41
N ARG B 124 -7.52 17.10 1.66
CA ARG B 124 -7.23 15.99 2.55
C ARG B 124 -8.29 15.91 3.63
N PRO B 125 -8.95 14.76 3.83
CA PRO B 125 -9.91 14.64 4.93
C PRO B 125 -9.22 14.65 6.28
N THR B 126 -9.82 15.36 7.24
CA THR B 126 -9.30 15.48 8.59
C THR B 126 -10.18 14.87 9.66
N GLY B 127 -11.48 14.94 9.51
CA GLY B 127 -12.40 14.42 10.51
C GLY B 127 -13.77 14.25 9.89
N THR B 128 -14.62 13.52 10.60
CA THR B 128 -15.98 13.31 10.17
C THR B 128 -16.90 13.41 11.37
N PHE B 129 -18.08 13.96 11.15
CA PHE B 129 -19.06 14.11 12.22
C PHE B 129 -20.45 14.18 11.60
N THR B 130 -21.46 14.20 12.46
CA THR B 130 -22.85 14.25 12.03
C THR B 130 -23.48 15.53 12.54
N VAL B 131 -24.28 16.17 11.68
CA VAL B 131 -24.97 17.40 12.01
C VAL B 131 -26.43 17.26 11.61
N VAL B 132 -27.22 18.26 12.00
CA VAL B 132 -28.64 18.34 11.67
C VAL B 132 -28.91 19.70 11.04
N MET B 133 -29.67 19.71 9.96
CA MET B 133 -30.10 20.97 9.36
C MET B 133 -31.03 21.69 10.32
N ARG B 134 -30.58 22.82 10.85
CA ARG B 134 -31.36 23.56 11.82
C ARG B 134 -32.55 24.22 11.15
N PRO B 135 -33.61 24.53 11.91
CA PRO B 135 -34.76 25.23 11.31
C PRO B 135 -34.41 26.55 10.65
N ASN B 136 -33.35 27.23 11.11
CA ASN B 136 -32.90 28.44 10.45
C ASN B 136 -31.88 28.16 9.35
N TYR B 137 -31.81 26.91 8.89
CA TYR B 137 -31.00 26.52 7.74
C TYR B 137 -29.51 26.76 7.98
N THR B 138 -29.04 26.40 9.17
CA THR B 138 -27.63 26.36 9.49
C THR B 138 -27.28 24.97 10.03
N ILE B 139 -26.00 24.74 10.29
CA ILE B 139 -25.57 23.52 10.96
C ILE B 139 -24.56 23.90 12.04
N LYS B 140 -24.44 23.04 13.04
CA LYS B 140 -23.52 23.24 14.16
C LYS B 140 -22.39 22.24 14.01
N GLY B 141 -21.40 22.61 13.19
CA GLY B 141 -20.27 21.78 12.90
C GLY B 141 -19.01 22.29 13.57
N SER B 142 -17.87 21.87 13.03
CA SER B 142 -16.57 22.36 13.50
C SER B 142 -15.71 22.54 12.26
N PHE B 143 -15.59 23.78 11.80
CA PHE B 143 -14.89 24.12 10.57
C PHE B 143 -13.92 25.25 10.86
N LEU B 144 -12.74 25.17 10.28
CA LEU B 144 -11.76 26.23 10.36
C LEU B 144 -11.62 26.85 8.97
N CYS B 145 -10.68 27.78 8.83
CA CYS B 145 -10.54 28.45 7.56
C CYS B 145 -9.92 27.51 6.55
N GLY B 146 -10.48 27.46 5.34
CA GLY B 146 -10.09 26.55 4.29
C GLY B 146 -10.84 25.25 4.23
N SER B 147 -11.83 25.05 5.09
CA SER B 147 -12.60 23.83 5.06
C SER B 147 -13.76 23.84 4.05
N CYS B 148 -14.09 24.99 3.44
CA CYS B 148 -15.20 25.04 2.48
C CYS B 148 -14.93 24.10 1.31
N GLY B 149 -16.01 23.56 0.73
CA GLY B 149 -15.93 22.46 -0.21
C GLY B 149 -16.09 21.09 0.41
N SER B 150 -15.87 20.98 1.72
CA SER B 150 -16.18 19.76 2.45
C SER B 150 -17.65 19.42 2.26
N VAL B 151 -17.96 18.13 2.25
CA VAL B 151 -19.25 17.65 1.76
C VAL B 151 -20.00 16.93 2.87
N GLY B 152 -21.31 17.11 2.86
CA GLY B 152 -22.20 16.39 3.77
C GLY B 152 -23.12 15.46 2.99
N TYR B 153 -23.28 14.24 3.50
CA TYR B 153 -23.87 13.17 2.72
C TYR B 153 -24.57 12.18 3.66
N THR B 154 -25.46 11.38 3.08
CA THR B 154 -25.95 10.17 3.71
C THR B 154 -25.97 9.06 2.67
N LYS B 155 -26.17 7.83 3.14
CA LYS B 155 -26.17 6.64 2.29
C LYS B 155 -27.31 5.71 2.70
N GLU B 156 -28.20 5.42 1.76
CA GLU B 156 -29.19 4.37 1.94
C GLU B 156 -28.97 3.32 0.85
N GLY B 157 -28.65 2.10 1.27
CA GLY B 157 -28.25 1.06 0.34
C GLY B 157 -26.86 1.32 -0.20
N SER B 158 -26.70 1.17 -1.51
CA SER B 158 -25.43 1.40 -2.19
C SER B 158 -25.24 2.85 -2.64
N VAL B 159 -26.25 3.70 -2.45
CA VAL B 159 -26.30 5.03 -3.06
C VAL B 159 -25.96 6.08 -2.01
N ILE B 160 -25.03 6.97 -2.35
CA ILE B 160 -24.63 8.09 -1.50
C ILE B 160 -25.47 9.31 -1.88
N ASN B 161 -26.10 9.95 -0.90
CA ASN B 161 -26.81 11.21 -1.15
C ASN B 161 -25.91 12.37 -0.74
N PHE B 162 -25.46 13.13 -1.74
CA PHE B 162 -24.67 14.33 -1.49
C PHE B 162 -25.63 15.51 -1.34
N CYS B 163 -25.69 16.07 -0.13
CA CYS B 163 -26.67 17.09 0.19
C CYS B 163 -26.09 18.42 0.65
N TYR B 164 -24.77 18.50 0.87
CA TYR B 164 -24.19 19.68 1.49
C TYR B 164 -22.77 19.91 0.99
N MET B 165 -22.45 21.17 0.67
CA MET B 165 -21.08 21.60 0.40
C MET B 165 -20.81 22.86 1.21
N HIS B 166 -19.80 22.80 2.09
CA HIS B 166 -19.57 23.88 3.06
C HIS B 166 -19.14 25.16 2.35
N GLN B 167 -19.63 26.29 2.86
CA GLN B 167 -19.44 27.58 2.22
C GLN B 167 -19.07 28.73 3.15
N MET B 168 -19.67 28.79 4.35
CA MET B 168 -19.62 29.98 5.18
C MET B 168 -19.74 29.62 6.65
N GLU B 169 -19.10 30.44 7.50
CA GLU B 169 -19.37 30.48 8.93
C GLU B 169 -20.00 31.83 9.25
N LEU B 170 -21.20 31.82 9.82
CA LEU B 170 -21.92 33.06 10.11
C LEU B 170 -21.64 33.59 11.51
N ALA B 171 -21.60 32.70 12.50
CA ALA B 171 -21.30 33.04 13.88
C ALA B 171 -20.46 31.91 14.45
N ASN B 172 -20.10 32.04 15.73
CA ASN B 172 -19.26 31.02 16.36
C ASN B 172 -19.97 29.68 16.34
N GLY B 173 -19.33 28.69 15.70
CA GLY B 173 -19.89 27.36 15.58
C GLY B 173 -21.07 27.23 14.65
N THR B 174 -21.42 28.29 13.91
CA THR B 174 -22.57 28.29 13.01
C THR B 174 -22.07 28.36 11.58
N HIS B 175 -22.57 27.47 10.72
CA HIS B 175 -22.06 27.30 9.37
C HIS B 175 -23.22 27.10 8.41
N THR B 176 -22.91 27.17 7.11
CA THR B 176 -23.90 26.96 6.06
C THR B 176 -23.18 26.44 4.83
N GLY B 177 -23.97 26.05 3.83
CA GLY B 177 -23.44 25.50 2.60
C GLY B 177 -24.52 25.38 1.55
N SER B 178 -24.21 24.62 0.50
CA SER B 178 -25.07 24.53 -0.67
C SER B 178 -25.68 23.14 -0.79
N ALA B 179 -26.82 23.07 -1.45
CA ALA B 179 -27.16 21.78 -2.00
C ALA B 179 -26.45 21.69 -3.35
N PHE B 180 -26.30 20.47 -3.86
CA PHE B 180 -25.56 20.31 -5.09
C PHE B 180 -26.37 20.67 -6.33
N ASP B 181 -27.59 21.20 -6.14
CA ASP B 181 -28.30 21.86 -7.22
C ASP B 181 -27.84 23.30 -7.40
N GLY B 182 -27.08 23.84 -6.44
CA GLY B 182 -26.62 25.21 -6.48
C GLY B 182 -27.32 26.13 -5.50
N THR B 183 -28.42 25.71 -4.91
CA THR B 183 -29.15 26.59 -4.01
C THR B 183 -28.55 26.49 -2.62
N MET B 184 -28.47 27.64 -1.96
CA MET B 184 -27.92 27.72 -0.61
C MET B 184 -29.05 27.60 0.41
N TYR B 185 -28.84 26.76 1.42
CA TYR B 185 -29.85 26.57 2.44
C TYR B 185 -30.17 27.90 3.12
N GLY B 186 -31.47 28.19 3.26
CA GLY B 186 -31.88 29.44 3.87
C GLY B 186 -31.65 30.68 3.04
N ALA B 187 -31.27 30.52 1.77
CA ALA B 187 -31.08 31.63 0.84
C ALA B 187 -29.98 32.59 1.27
N PHE B 188 -29.04 32.12 2.10
CA PHE B 188 -27.89 32.94 2.44
C PHE B 188 -27.07 33.24 1.20
N MET B 189 -26.29 34.32 1.28
CA MET B 189 -25.51 34.82 0.17
C MET B 189 -24.02 34.64 0.43
N ASP B 190 -23.31 34.27 -0.65
CA ASP B 190 -21.86 34.04 -0.65
C ASP B 190 -21.13 35.36 -0.79
N LYS B 191 -21.22 36.19 0.23
CA LYS B 191 -20.60 37.51 0.23
C LYS B 191 -20.43 37.90 1.68
N GLN B 192 -19.27 38.43 2.04
CA GLN B 192 -18.99 38.86 3.43
C GLN B 192 -19.79 40.11 3.73
N VAL B 193 -21.07 39.92 4.04
CA VAL B 193 -21.93 41.06 4.42
C VAL B 193 -22.70 40.63 5.65
N HIS B 194 -23.55 41.52 6.14
CA HIS B 194 -24.41 41.25 7.28
C HIS B 194 -25.45 40.18 6.90
N GLN B 195 -25.48 39.10 7.66
CA GLN B 195 -26.39 37.98 7.39
C GLN B 195 -27.15 37.66 8.68
N VAL B 196 -28.43 37.97 8.70
CA VAL B 196 -29.27 37.66 9.85
C VAL B 196 -29.81 36.27 9.68
N GLN B 197 -29.87 35.52 10.77
CA GLN B 197 -30.42 34.18 10.77
C GLN B 197 -31.83 34.20 11.32
N LEU B 198 -32.63 33.21 10.93
CA LEU B 198 -33.93 33.06 11.56
C LEU B 198 -33.73 32.47 12.95
N THR B 199 -34.82 32.37 13.70
CA THR B 199 -34.72 31.90 15.08
C THR B 199 -34.58 30.39 15.06
N ASP B 200 -33.68 29.86 15.89
CA ASP B 200 -33.52 28.43 15.98
C ASP B 200 -34.66 27.81 16.77
N LYS B 201 -35.02 26.58 16.44
CA LYS B 201 -36.12 25.90 17.11
C LYS B 201 -35.72 24.45 17.37
N TYR B 202 -36.38 23.86 18.37
CA TYR B 202 -36.24 22.44 18.64
C TYR B 202 -36.97 21.63 17.57
N CYS B 203 -36.34 20.56 17.09
CA CYS B 203 -36.94 19.70 16.08
C CYS B 203 -37.77 18.63 16.80
N SER B 204 -39.09 18.76 16.70
CA SER B 204 -39.98 17.96 17.53
C SER B 204 -39.80 16.47 17.28
N VAL B 205 -39.81 16.05 16.01
CA VAL B 205 -39.69 14.63 15.68
C VAL B 205 -38.41 14.04 16.25
N ASN B 206 -37.32 14.82 16.25
CA ASN B 206 -36.05 14.31 16.74
C ASN B 206 -36.05 14.13 18.25
N VAL B 207 -36.71 15.04 18.97
CA VAL B 207 -36.85 14.86 20.41
C VAL B 207 -37.66 13.62 20.71
N VAL B 208 -38.70 13.35 19.91
CA VAL B 208 -39.51 12.15 20.10
C VAL B 208 -38.66 10.90 19.88
N ALA B 209 -37.87 10.90 18.80
CA ALA B 209 -36.97 9.78 18.55
C ALA B 209 -35.98 9.60 19.69
N TRP B 210 -35.47 10.71 20.23
CA TRP B 210 -34.48 10.64 21.30
C TRP B 210 -35.10 10.11 22.59
N LEU B 211 -36.35 10.48 22.88
CA LEU B 211 -37.04 9.93 24.05
C LEU B 211 -37.31 8.44 23.87
N TYR B 212 -37.68 8.03 22.65
CA TYR B 212 -37.83 6.60 22.38
C TYR B 212 -36.51 5.87 22.58
N ALA B 213 -35.40 6.50 22.20
CA ALA B 213 -34.07 5.94 22.43
C ALA B 213 -33.80 5.76 23.92
N ALA B 214 -34.06 6.81 24.71
CA ALA B 214 -33.87 6.74 26.17
C ALA B 214 -34.67 5.61 26.77
N ILE B 215 -35.92 5.42 26.32
CA ILE B 215 -36.74 4.32 26.82
C ILE B 215 -36.09 2.98 26.49
N LEU B 216 -35.67 2.81 25.23
CA LEU B 216 -35.06 1.55 24.81
C LEU B 216 -33.68 1.33 25.42
N ASN B 217 -33.13 2.32 26.13
CA ASN B 217 -31.90 2.16 26.89
C ASN B 217 -32.14 2.22 28.40
N GLY B 218 -33.35 1.89 28.83
CA GLY B 218 -33.67 1.80 30.25
C GLY B 218 -33.88 3.09 31.00
N CYS B 219 -34.21 4.18 30.32
CA CYS B 219 -34.45 5.48 30.95
C CYS B 219 -35.85 5.94 30.57
N ALA B 220 -36.83 5.77 31.48
CA ALA B 220 -38.22 6.08 31.14
C ALA B 220 -38.96 6.71 32.30
N TRP B 221 -38.27 7.46 33.15
CA TRP B 221 -38.93 8.14 34.26
C TRP B 221 -39.91 9.20 33.77
N PHE B 222 -39.64 9.78 32.59
CA PHE B 222 -40.46 10.87 32.06
C PHE B 222 -41.79 10.42 31.47
N VAL B 223 -41.99 9.11 31.31
CA VAL B 223 -43.21 8.60 30.68
C VAL B 223 -44.31 8.48 31.72
N LYS B 224 -45.41 9.17 31.49
CA LYS B 224 -46.65 8.97 32.23
C LYS B 224 -47.75 8.63 31.24
N PRO B 225 -48.89 8.10 31.70
CA PRO B 225 -49.95 7.73 30.75
C PRO B 225 -50.54 8.90 29.99
N ASN B 226 -50.39 10.12 30.50
CA ASN B 226 -50.99 11.29 29.88
C ASN B 226 -50.57 11.41 28.41
N ARG B 227 -51.46 11.98 27.60
CA ARG B 227 -51.24 12.11 26.17
C ARG B 227 -51.57 13.53 25.73
N THR B 228 -51.03 13.90 24.57
CA THR B 228 -51.25 15.19 23.95
C THR B 228 -51.29 14.96 22.45
N SER B 229 -52.44 15.20 21.82
CA SER B 229 -52.61 15.00 20.38
C SER B 229 -51.54 15.76 19.58
N VAL B 230 -51.30 15.31 18.35
CA VAL B 230 -50.34 15.99 17.48
C VAL B 230 -50.78 17.42 17.18
N VAL B 231 -52.09 17.64 17.06
CA VAL B 231 -52.59 18.99 16.85
C VAL B 231 -52.43 19.79 18.12
N SER B 232 -52.60 19.11 19.26
CA SER B 232 -52.46 19.73 20.56
C SER B 232 -51.04 20.25 20.75
N PHE B 233 -50.03 19.50 20.26
CA PHE B 233 -48.62 19.87 20.37
C PHE B 233 -48.16 20.86 19.30
N ASN B 234 -48.71 20.82 18.09
CA ASN B 234 -48.26 21.73 17.03
C ASN B 234 -48.66 23.16 17.32
N GLU B 235 -49.87 23.34 17.84
CA GLU B 235 -50.35 24.62 18.36
C GLU B 235 -49.51 25.10 19.54
N TRP B 236 -49.16 24.21 20.46
CA TRP B 236 -48.24 24.57 21.53
C TRP B 236 -46.87 24.92 20.96
N ALA B 237 -46.48 24.26 19.88
CA ALA B 237 -45.16 24.45 19.30
C ALA B 237 -45.03 25.82 18.63
N LEU B 238 -46.11 26.28 17.99
CA LEU B 238 -46.07 27.55 17.28
C LEU B 238 -45.81 28.73 18.21
N ALA B 239 -45.94 28.53 19.52
CA ALA B 239 -45.68 29.59 20.50
C ALA B 239 -44.44 29.37 21.34
N ASN B 240 -43.85 28.17 21.36
CA ASN B 240 -42.69 27.87 22.18
C ASN B 240 -41.47 27.38 21.38
N GLN B 241 -41.30 27.86 20.14
CA GLN B 241 -40.09 27.59 19.38
C GLN B 241 -39.84 26.09 19.20
N PHE B 242 -40.87 25.37 18.75
CA PHE B 242 -40.74 23.99 18.35
C PHE B 242 -41.22 23.80 16.93
N THR B 243 -40.67 22.80 16.24
CA THR B 243 -41.09 22.48 14.89
C THR B 243 -42.44 21.77 14.91
N GLU B 244 -43.13 21.83 13.77
CA GLU B 244 -44.39 21.11 13.64
C GLU B 244 -44.10 19.61 13.54
N PHE B 245 -44.70 18.83 14.43
CA PHE B 245 -44.47 17.39 14.42
C PHE B 245 -45.18 16.75 13.24
N VAL B 246 -44.48 15.83 12.58
CA VAL B 246 -45.02 15.05 11.47
C VAL B 246 -44.64 13.61 11.70
N GLY B 247 -45.64 12.74 11.83
CA GLY B 247 -45.34 11.34 12.03
C GLY B 247 -44.76 10.72 10.78
N THR B 248 -43.88 9.74 10.98
CA THR B 248 -43.28 8.98 9.89
C THR B 248 -43.25 7.52 10.31
N GLN B 249 -42.99 6.64 9.33
CA GLN B 249 -43.00 5.20 9.60
C GLN B 249 -41.87 4.77 10.53
N SER B 250 -40.76 5.51 10.56
CA SER B 250 -39.70 5.21 11.53
C SER B 250 -40.13 5.56 12.95
N VAL B 251 -40.73 6.74 13.14
CA VAL B 251 -41.26 7.08 14.45
C VAL B 251 -42.30 6.05 14.87
N ASP B 252 -43.11 5.59 13.90
CA ASP B 252 -44.13 4.60 14.22
C ASP B 252 -43.49 3.27 14.58
N MET B 253 -42.38 2.91 13.94
CA MET B 253 -41.65 1.70 14.31
C MET B 253 -41.20 1.77 15.77
N LEU B 254 -40.65 2.92 16.18
CA LEU B 254 -40.23 3.11 17.56
C LEU B 254 -41.41 2.98 18.52
N ALA B 255 -42.55 3.59 18.16
CA ALA B 255 -43.74 3.50 19.00
C ALA B 255 -44.22 2.05 19.12
N VAL B 256 -44.14 1.29 18.03
CA VAL B 256 -44.59 -0.09 18.06
C VAL B 256 -43.71 -0.94 18.98
N LYS B 257 -42.40 -0.70 18.97
CA LYS B 257 -41.50 -1.55 19.76
C LYS B 257 -41.49 -1.19 21.25
N THR B 258 -41.77 0.08 21.59
CA THR B 258 -41.79 0.49 22.99
C THR B 258 -43.16 0.33 23.65
N GLY B 259 -44.22 0.20 22.86
CA GLY B 259 -45.55 0.23 23.45
C GLY B 259 -45.89 1.57 24.06
N VAL B 260 -45.21 2.62 23.65
CA VAL B 260 -45.44 3.98 24.12
C VAL B 260 -45.91 4.81 22.94
N ALA B 261 -47.05 5.48 23.09
CA ALA B 261 -47.62 6.22 21.98
C ALA B 261 -46.89 7.55 21.80
N ILE B 262 -46.92 8.04 20.55
CA ILE B 262 -46.31 9.34 20.24
C ILE B 262 -46.88 10.42 21.15
N GLU B 263 -48.19 10.40 21.37
CA GLU B 263 -48.84 11.44 22.15
C GLU B 263 -48.33 11.47 23.59
N GLN B 264 -47.99 10.31 24.16
CA GLN B 264 -47.40 10.28 25.49
C GLN B 264 -46.10 11.09 25.53
N LEU B 265 -45.25 10.91 24.52
CA LEU B 265 -43.97 11.62 24.51
C LEU B 265 -44.13 13.09 24.16
N LEU B 266 -45.19 13.44 23.41
CA LEU B 266 -45.47 14.85 23.20
C LEU B 266 -45.87 15.53 24.50
N TYR B 267 -46.73 14.88 25.29
CA TYR B 267 -47.02 15.38 26.63
C TYR B 267 -45.75 15.45 27.47
N ALA B 268 -44.91 14.41 27.39
CA ALA B 268 -43.66 14.41 28.14
C ALA B 268 -42.77 15.57 27.72
N ILE B 269 -42.73 15.88 26.42
CA ILE B 269 -41.94 17.02 25.95
C ILE B 269 -42.50 18.32 26.51
N GLN B 270 -43.83 18.47 26.50
CA GLN B 270 -44.46 19.64 27.10
C GLN B 270 -44.02 19.83 28.55
N GLN B 271 -43.85 18.73 29.28
CA GLN B 271 -43.47 18.81 30.69
C GLN B 271 -41.97 19.03 30.86
N LEU B 272 -41.15 18.53 29.94
CA LEU B 272 -39.70 18.61 30.06
C LEU B 272 -39.12 19.92 29.54
N TYR B 273 -39.87 20.65 28.72
CA TYR B 273 -39.36 21.93 28.20
C TYR B 273 -39.07 22.93 29.29
N THR B 274 -39.77 22.85 30.42
CA THR B 274 -39.52 23.75 31.54
C THR B 274 -38.18 23.45 32.22
N GLY B 275 -37.92 22.17 32.51
CA GLY B 275 -36.71 21.79 33.21
C GLY B 275 -36.72 20.34 33.64
N PHE B 276 -35.54 19.71 33.71
CA PHE B 276 -35.47 18.30 34.05
C PHE B 276 -35.45 18.07 35.55
N GLN B 277 -35.52 19.12 36.37
CA GLN B 277 -35.57 19.00 37.82
C GLN B 277 -34.37 18.26 38.37
N GLY B 278 -33.21 18.42 37.74
CA GLY B 278 -32.00 17.76 38.15
C GLY B 278 -31.88 16.30 37.75
N LYS B 279 -32.86 15.75 37.04
CA LYS B 279 -32.77 14.39 36.53
C LYS B 279 -32.11 14.40 35.15
N GLN B 280 -31.71 13.21 34.70
CA GLN B 280 -31.02 13.06 33.42
C GLN B 280 -31.82 12.17 32.47
N ILE B 281 -31.64 12.43 31.18
CA ILE B 281 -32.16 11.58 30.11
C ILE B 281 -31.00 11.28 29.18
N LEU B 282 -30.56 10.02 29.17
CA LEU B 282 -29.39 9.60 28.41
C LEU B 282 -28.19 10.52 28.65
N GLY B 283 -28.00 10.91 29.91
CA GLY B 283 -26.85 11.74 30.20
C GLY B 283 -27.00 13.17 29.73
N SER B 284 -28.22 13.71 29.76
CA SER B 284 -28.43 15.09 29.34
C SER B 284 -29.45 15.79 30.23
N THR B 285 -29.22 17.09 30.46
CA THR B 285 -30.13 17.90 31.25
C THR B 285 -31.00 18.80 30.38
N MET B 286 -30.98 18.60 29.07
CA MET B 286 -31.82 19.34 28.13
C MET B 286 -32.40 18.38 27.13
N LEU B 287 -33.41 18.85 26.41
CA LEU B 287 -33.96 18.08 25.31
C LEU B 287 -32.95 18.05 24.17
N GLU B 288 -32.81 16.89 23.54
CA GLU B 288 -31.84 16.67 22.47
C GLU B 288 -32.58 16.38 21.18
N ASP B 289 -32.32 17.20 20.15
CA ASP B 289 -32.91 17.01 18.84
C ASP B 289 -31.87 16.66 17.79
N GLU B 290 -30.70 16.19 18.22
CA GLU B 290 -29.62 15.83 17.32
C GLU B 290 -29.79 14.44 16.72
N PHE B 291 -30.82 13.71 17.09
CA PHE B 291 -30.99 12.31 16.70
C PHE B 291 -32.30 12.15 15.97
N THR B 292 -32.24 11.67 14.73
CA THR B 292 -33.42 11.47 13.91
C THR B 292 -34.01 10.10 14.19
N PRO B 293 -35.30 9.90 13.85
CA PRO B 293 -35.90 8.57 14.02
C PRO B 293 -35.15 7.46 13.29
N GLU B 294 -34.68 7.73 12.06
CA GLU B 294 -33.91 6.74 11.34
C GLU B 294 -32.61 6.41 12.07
N ASP B 295 -31.93 7.44 12.60
CA ASP B 295 -30.67 7.22 13.29
C ASP B 295 -30.84 6.31 14.50
N VAL B 296 -31.86 6.58 15.32
CA VAL B 296 -32.12 5.76 16.49
C VAL B 296 -32.52 4.36 16.08
N ASN B 297 -33.36 4.24 15.07
CA ASN B 297 -33.76 2.94 14.57
C ASN B 297 -32.54 2.08 14.23
N MET B 298 -31.61 2.64 13.45
CA MET B 298 -30.45 1.88 13.01
C MET B 298 -29.49 1.62 14.18
N GLN B 299 -29.40 2.55 15.12
CA GLN B 299 -28.47 2.39 16.25
C GLN B 299 -29.02 1.42 17.29
N ILE B 300 -30.32 1.39 17.49
CA ILE B 300 -30.89 0.64 18.59
C ILE B 300 -31.37 -0.73 18.14
N MET B 301 -31.94 -0.81 16.96
CA MET B 301 -32.50 -2.09 16.57
C MET B 301 -31.88 -2.62 15.28
N GLY B 302 -31.13 -1.78 14.59
CA GLY B 302 -30.30 -2.04 13.43
C GLY B 302 -31.06 -2.22 12.12
N VAL B 303 -30.39 -1.86 11.03
CA VAL B 303 -30.81 -2.12 9.66
C VAL B 303 -29.94 -3.26 9.15
N VAL B 304 -30.47 -4.49 9.18
CA VAL B 304 -29.70 -5.66 8.77
C VAL B 304 -29.92 -5.99 7.31
N SER C 1 27.36 -23.34 -22.90
CA SER C 1 27.96 -22.10 -23.39
C SER C 1 26.92 -20.98 -23.45
N GLY C 2 27.38 -19.79 -23.76
CA GLY C 2 26.51 -18.63 -23.78
C GLY C 2 26.81 -17.70 -22.62
N LEU C 3 26.61 -16.40 -22.85
CA LEU C 3 26.87 -15.38 -21.84
C LEU C 3 25.68 -14.44 -21.76
N VAL C 4 25.12 -14.30 -20.56
CA VAL C 4 23.98 -13.42 -20.33
C VAL C 4 24.28 -12.58 -19.11
N LYS C 5 23.54 -11.48 -18.97
CA LYS C 5 23.57 -10.74 -17.72
C LYS C 5 22.72 -11.48 -16.71
N MET C 6 23.37 -12.10 -15.73
CA MET C 6 22.72 -13.07 -14.86
C MET C 6 22.68 -12.60 -13.41
N SER C 7 21.56 -12.87 -12.75
CA SER C 7 21.36 -12.51 -11.36
C SER C 7 21.33 -13.77 -10.51
N HIS C 8 21.61 -13.60 -9.23
CA HIS C 8 21.52 -14.70 -8.30
C HIS C 8 20.05 -14.98 -7.98
N PRO C 9 19.66 -16.24 -7.82
CA PRO C 9 18.28 -16.53 -7.38
C PRO C 9 17.95 -15.75 -6.11
N SER C 10 16.74 -15.22 -6.06
CA SER C 10 16.39 -14.16 -5.13
C SER C 10 15.51 -14.62 -3.97
N GLY C 11 15.11 -15.89 -3.93
CA GLY C 11 14.19 -16.33 -2.89
C GLY C 11 14.67 -16.06 -1.48
N ASP C 12 15.92 -16.41 -1.18
CA ASP C 12 16.53 -16.10 0.12
C ASP C 12 16.30 -14.64 0.52
N VAL C 13 16.44 -13.72 -0.43
CA VAL C 13 16.34 -12.31 -0.11
C VAL C 13 14.89 -11.82 -0.16
N GLU C 14 14.06 -12.41 -1.02
CA GLU C 14 12.62 -12.14 -0.97
C GLU C 14 12.07 -12.40 0.43
N ALA C 15 12.57 -13.45 1.08
CA ALA C 15 12.15 -13.83 2.43
C ALA C 15 12.60 -12.83 3.50
N CYS C 16 13.30 -11.77 3.12
CA CYS C 16 13.83 -10.81 4.08
C CYS C 16 13.31 -9.40 3.88
N MET C 17 12.35 -9.20 2.98
CA MET C 17 11.87 -7.85 2.67
C MET C 17 10.64 -7.51 3.51
N VAL C 18 10.64 -6.30 4.06
CA VAL C 18 9.52 -5.77 4.85
C VAL C 18 9.29 -4.34 4.44
N GLN C 19 8.17 -3.79 4.90
CA GLN C 19 7.82 -2.38 4.68
C GLN C 19 8.02 -1.61 5.98
N VAL C 20 8.75 -0.50 5.91
CA VAL C 20 9.03 0.35 7.06
C VAL C 20 8.35 1.71 6.84
N THR C 21 7.58 2.15 7.84
CA THR C 21 6.85 3.41 7.76
C THR C 21 7.19 4.25 8.98
N CYS C 22 7.56 5.51 8.75
CA CYS C 22 7.83 6.47 9.82
C CYS C 22 7.18 7.80 9.48
N GLY C 23 6.14 8.16 10.23
CA GLY C 23 5.41 9.38 9.95
C GLY C 23 4.61 9.24 8.67
N SER C 24 4.92 10.06 7.67
CA SER C 24 4.29 9.96 6.36
C SER C 24 5.21 9.37 5.30
N MET C 25 6.44 8.99 5.66
CA MET C 25 7.39 8.41 4.73
C MET C 25 7.37 6.88 4.80
N THR C 26 7.44 6.23 3.64
CA THR C 26 7.41 4.78 3.54
C THR C 26 8.47 4.29 2.56
N LEU C 27 9.16 3.21 2.92
CA LEU C 27 10.12 2.57 2.04
C LEU C 27 10.24 1.10 2.42
N ASN C 28 11.28 0.44 1.89
CA ASN C 28 11.52 -0.98 2.10
C ASN C 28 12.61 -1.16 3.15
N GLY C 29 12.60 -2.33 3.79
CA GLY C 29 13.58 -2.64 4.79
C GLY C 29 13.99 -4.10 4.72
N LEU C 30 15.20 -4.38 5.21
CA LEU C 30 15.76 -5.72 5.17
C LEU C 30 15.73 -6.31 6.58
N TRP C 31 15.07 -7.45 6.72
CA TRP C 31 14.84 -8.08 8.02
C TRP C 31 15.75 -9.30 8.15
N LEU C 32 16.80 -9.17 8.96
CA LEU C 32 17.72 -10.24 9.26
C LEU C 32 17.75 -10.46 10.76
N ASP C 33 17.38 -11.66 11.19
CA ASP C 33 17.25 -11.96 12.62
C ASP C 33 16.34 -10.95 13.30
N ASN C 34 16.85 -10.26 14.33
CA ASN C 34 16.05 -9.31 15.10
C ASN C 34 16.29 -7.86 14.69
N THR C 35 16.85 -7.61 13.52
CA THR C 35 17.11 -6.25 13.08
C THR C 35 16.49 -6.01 11.72
N VAL C 36 16.03 -4.77 11.50
CA VAL C 36 15.52 -4.31 10.22
C VAL C 36 16.34 -3.10 9.82
N TRP C 37 17.05 -3.21 8.70
CA TRP C 37 17.81 -2.10 8.15
C TRP C 37 16.95 -1.36 7.13
N CYS C 38 17.03 -0.03 7.16
CA CYS C 38 16.32 0.77 6.19
C CYS C 38 17.06 2.10 6.03
N PRO C 39 16.84 2.81 4.92
CA PRO C 39 17.43 4.15 4.77
C PRO C 39 16.92 5.10 5.84
N ARG C 40 17.80 5.99 6.30
CA ARG C 40 17.44 6.90 7.37
C ARG C 40 16.58 8.06 6.93
N HIS C 41 16.55 8.40 5.64
CA HIS C 41 15.70 9.51 5.22
C HIS C 41 14.21 9.20 5.33
N VAL C 42 13.84 8.00 5.79
CA VAL C 42 12.46 7.72 6.16
C VAL C 42 12.02 8.55 7.36
N MET C 43 12.96 9.04 8.17
CA MET C 43 12.63 9.87 9.32
C MET C 43 12.34 11.32 8.93
N CYS C 44 12.80 11.75 7.77
CA CYS C 44 12.77 13.16 7.40
C CYS C 44 11.57 13.46 6.52
N PRO C 45 10.73 14.44 6.86
CA PRO C 45 9.59 14.79 6.00
C PRO C 45 10.06 15.45 4.71
N ALA C 46 9.11 15.67 3.81
CA ALA C 46 9.42 16.31 2.54
C ALA C 46 9.87 17.76 2.72
N ASP C 47 9.43 18.44 3.79
CA ASP C 47 9.97 19.77 4.11
C ASP C 47 11.48 19.86 4.11
N GLN C 48 12.11 19.00 4.88
CA GLN C 48 13.52 19.18 5.19
C GLN C 48 14.39 18.17 4.49
N LEU C 49 13.99 17.75 3.30
CA LEU C 49 14.80 16.80 2.58
C LEU C 49 16.06 17.43 2.03
N SER C 50 16.18 18.76 2.11
CA SER C 50 17.35 19.44 1.57
C SER C 50 18.39 19.75 2.63
N ASP C 51 18.00 20.18 3.83
CA ASP C 51 19.05 20.22 4.83
C ASP C 51 18.42 19.59 6.08
N PRO C 52 18.48 18.27 6.18
CA PRO C 52 17.96 17.52 7.34
C PRO C 52 18.97 17.43 8.48
N ASN C 53 18.48 17.42 9.71
CA ASN C 53 19.30 17.28 10.92
C ASN C 53 19.06 15.89 11.50
N TYR C 54 19.78 14.88 10.97
CA TYR C 54 19.43 13.49 11.27
C TYR C 54 19.58 13.15 12.75
N ASP C 55 20.54 13.76 13.46
CA ASP C 55 20.69 13.50 14.89
C ASP C 55 19.45 13.92 15.67
N ALA C 56 19.01 15.17 15.49
CA ALA C 56 17.80 15.65 16.16
C ALA C 56 16.60 14.85 15.69
N LEU C 57 16.60 14.51 14.42
CA LEU C 57 15.54 13.74 13.80
C LEU C 57 15.43 12.34 14.42
N LEU C 58 16.57 11.78 14.88
CA LEU C 58 16.57 10.47 15.53
C LEU C 58 16.10 10.56 16.99
N ILE C 59 16.67 11.51 17.75
CA ILE C 59 16.28 11.66 19.16
C ILE C 59 14.81 12.04 19.23
N SER C 60 14.28 12.64 18.17
CA SER C 60 12.86 12.93 18.06
C SER C 60 12.00 11.67 18.01
N MET C 61 12.57 10.52 17.68
CA MET C 61 11.79 9.34 17.34
C MET C 61 11.64 8.42 18.54
N THR C 62 10.52 7.73 18.60
CA THR C 62 10.28 6.64 19.54
C THR C 62 10.15 5.34 18.77
N ASN C 63 10.03 4.24 19.51
CA ASN C 63 9.83 2.97 18.84
C ASN C 63 8.45 2.81 18.20
N HIS C 64 7.41 3.59 18.58
CA HIS C 64 6.26 3.54 17.70
C HIS C 64 6.31 4.60 16.62
N SER C 65 7.38 5.39 16.55
CA SER C 65 7.52 6.22 15.38
C SER C 65 7.68 5.37 14.12
N PHE C 66 8.02 4.09 14.28
CA PHE C 66 8.27 3.16 13.19
C PHE C 66 7.25 2.04 13.20
N SER C 67 6.80 1.66 12.00
CA SER C 67 5.92 0.52 11.82
C SER C 67 6.55 -0.40 10.78
N VAL C 68 6.69 -1.68 11.10
CA VAL C 68 7.35 -2.64 10.23
C VAL C 68 6.39 -3.81 9.99
N GLN C 69 6.16 -4.13 8.73
CA GLN C 69 5.23 -5.16 8.34
C GLN C 69 5.86 -6.07 7.29
N LYS C 70 5.55 -7.36 7.35
CA LYS C 70 6.06 -8.35 6.39
C LYS C 70 4.89 -8.92 5.62
N HIS C 71 4.87 -8.70 4.31
CA HIS C 71 3.72 -9.05 3.48
C HIS C 71 3.87 -10.35 2.71
N ILE C 72 5.09 -10.80 2.46
CA ILE C 72 5.33 -11.95 1.60
C ILE C 72 5.65 -13.18 2.43
N GLY C 73 5.22 -14.33 1.96
CA GLY C 73 5.59 -15.58 2.59
C GLY C 73 5.10 -15.82 4.00
N ALA C 74 6.04 -15.83 4.90
CA ALA C 74 5.79 -16.14 6.30
C ALA C 74 5.33 -14.90 7.01
N PRO C 75 4.12 -14.87 7.55
CA PRO C 75 3.63 -13.64 8.18
C PRO C 75 4.53 -13.26 9.34
N ALA C 76 4.58 -11.96 9.60
CA ALA C 76 5.33 -11.46 10.74
C ALA C 76 4.47 -10.40 11.41
N ASN C 77 4.67 -10.29 12.72
CA ASN C 77 4.05 -9.30 13.57
C ASN C 77 5.19 -8.61 14.30
N LEU C 78 5.90 -7.77 13.56
CA LEU C 78 7.10 -7.08 14.00
C LEU C 78 6.78 -5.85 14.81
N ARG C 79 7.48 -5.69 15.93
CA ARG C 79 7.15 -4.59 16.82
C ARG C 79 8.50 -3.96 17.14
N VAL C 80 8.60 -2.65 17.05
CA VAL C 80 9.90 -2.03 17.20
C VAL C 80 10.26 -1.88 18.68
N VAL C 81 11.37 -2.51 19.06
CA VAL C 81 11.87 -2.51 20.41
C VAL C 81 13.11 -1.65 20.55
N GLY C 82 13.67 -1.16 19.44
CA GLY C 82 14.81 -0.27 19.48
C GLY C 82 15.08 0.43 18.17
N HIS C 83 15.59 1.66 18.25
CA HIS C 83 15.96 2.43 17.07
C HIS C 83 17.37 2.95 17.25
N ALA C 84 18.19 2.79 16.22
CA ALA C 84 19.55 3.30 16.22
C ALA C 84 19.89 3.80 14.84
N MET C 85 20.90 4.66 14.75
CA MET C 85 21.40 5.17 13.48
C MET C 85 22.84 4.71 13.30
N GLN C 86 23.14 4.31 12.06
CA GLN C 86 24.49 3.88 11.69
C GLN C 86 24.80 4.47 10.33
N GLY C 87 25.64 5.50 10.29
CA GLY C 87 25.92 6.19 9.05
C GLY C 87 24.65 6.75 8.44
N THR C 88 24.28 6.24 7.27
CA THR C 88 23.10 6.68 6.54
C THR C 88 21.95 5.68 6.63
N LEU C 89 22.00 4.75 7.59
CA LEU C 89 20.98 3.73 7.72
C LEU C 89 20.38 3.75 9.12
N LEU C 90 19.16 3.26 9.24
CA LEU C 90 18.52 3.02 10.52
C LEU C 90 18.58 1.54 10.81
N LYS C 91 19.03 1.18 12.01
CA LYS C 91 18.96 -0.19 12.48
C LYS C 91 17.84 -0.26 13.51
N LEU C 92 16.77 -0.95 13.17
CA LEU C 92 15.61 -1.08 14.03
C LEU C 92 15.60 -2.47 14.64
N THR C 93 15.55 -2.53 15.97
CA THR C 93 15.46 -3.79 16.69
C THR C 93 14.00 -4.19 16.79
N VAL C 94 13.71 -5.45 16.46
CA VAL C 94 12.34 -5.93 16.42
C VAL C 94 12.17 -7.11 17.38
N ASP C 95 10.91 -7.37 17.72
CA ASP C 95 10.58 -8.36 18.74
C ASP C 95 10.74 -9.80 18.30
N VAL C 96 10.63 -10.09 17.01
CA VAL C 96 10.71 -11.45 16.49
C VAL C 96 11.89 -11.56 15.53
N ALA C 97 12.63 -12.66 15.63
CA ALA C 97 13.72 -12.92 14.71
C ALA C 97 13.18 -13.58 13.45
N ASN C 98 13.65 -13.12 12.29
CA ASN C 98 13.21 -13.68 11.02
C ASN C 98 13.60 -15.14 10.92
N PRO C 99 12.66 -16.08 10.86
CA PRO C 99 13.02 -17.49 10.76
C PRO C 99 13.63 -17.86 9.41
N SER C 100 13.48 -17.04 8.38
CA SER C 100 14.06 -17.32 7.07
C SER C 100 15.31 -16.49 6.81
N THR C 101 16.04 -16.12 7.85
CA THR C 101 17.28 -15.39 7.68
C THR C 101 18.35 -16.34 7.16
N PRO C 102 18.98 -16.07 6.02
CA PRO C 102 20.04 -16.94 5.53
C PRO C 102 21.37 -16.56 6.18
N ALA C 103 22.35 -17.42 5.96
CA ALA C 103 23.72 -17.07 6.33
C ALA C 103 24.15 -15.87 5.51
N TYR C 104 24.67 -14.84 6.18
CA TYR C 104 24.93 -13.59 5.48
C TYR C 104 26.20 -12.92 6.00
N THR C 105 26.69 -11.98 5.19
CA THR C 105 27.89 -11.19 5.45
C THR C 105 27.60 -9.75 5.03
N PHE C 106 28.44 -8.83 5.51
CA PHE C 106 28.41 -7.43 5.08
C PHE C 106 29.80 -7.02 4.61
N THR C 107 30.08 -7.09 3.32
CA THR C 107 31.34 -6.59 2.77
C THR C 107 31.03 -5.58 1.66
N THR C 108 31.77 -4.48 1.68
CA THR C 108 31.60 -3.40 0.71
C THR C 108 32.36 -3.73 -0.58
N VAL C 109 31.66 -3.69 -1.72
CA VAL C 109 32.25 -4.02 -3.02
C VAL C 109 33.12 -2.87 -3.52
N LYS C 110 34.14 -3.20 -4.34
CA LYS C 110 34.87 -2.10 -4.99
C LYS C 110 34.32 -1.89 -6.40
N PRO C 111 34.68 -0.77 -7.03
CA PRO C 111 34.25 -0.54 -8.41
C PRO C 111 34.68 -1.68 -9.34
N GLY C 112 33.83 -1.99 -10.30
CA GLY C 112 34.04 -3.10 -11.19
C GLY C 112 33.39 -4.39 -10.75
N ALA C 113 33.06 -4.51 -9.47
CA ALA C 113 32.39 -5.70 -8.94
C ALA C 113 30.92 -5.68 -9.30
N ALA C 114 30.33 -6.87 -9.42
CA ALA C 114 28.93 -7.02 -9.79
C ALA C 114 28.14 -7.64 -8.65
N PHE C 115 26.87 -7.24 -8.54
CA PHE C 115 25.98 -7.84 -7.55
C PHE C 115 24.55 -7.82 -8.08
N SER C 116 23.76 -8.78 -7.62
CA SER C 116 22.35 -8.89 -7.96
C SER C 116 21.52 -7.93 -7.12
N VAL C 117 20.59 -7.24 -7.78
CA VAL C 117 19.70 -6.30 -7.13
C VAL C 117 18.30 -6.89 -7.10
N LEU C 118 17.63 -6.79 -5.94
CA LEU C 118 16.22 -7.12 -5.81
C LEU C 118 15.46 -5.83 -5.59
N ALA C 119 14.75 -5.37 -6.63
CA ALA C 119 13.98 -4.14 -6.54
C ALA C 119 12.64 -4.42 -5.88
N CYS C 120 12.30 -3.60 -4.88
CA CYS C 120 11.07 -3.79 -4.12
C CYS C 120 10.32 -2.49 -3.98
N TYR C 121 9.01 -2.60 -3.75
CA TYR C 121 8.13 -1.47 -3.48
C TYR C 121 7.10 -1.92 -2.46
N ASN C 122 6.95 -1.12 -1.39
CA ASN C 122 6.07 -1.47 -0.26
C ASN C 122 6.34 -2.88 0.23
N GLY C 123 7.61 -3.24 0.36
CA GLY C 123 7.98 -4.54 0.87
C GLY C 123 7.71 -5.69 -0.08
N ARG C 124 7.26 -5.42 -1.30
CA ARG C 124 6.97 -6.47 -2.28
C ARG C 124 8.02 -6.46 -3.37
N PRO C 125 8.70 -7.57 -3.63
CA PRO C 125 9.68 -7.60 -4.73
C PRO C 125 8.99 -7.57 -6.09
N THR C 126 9.58 -6.81 -7.00
CA THR C 126 9.06 -6.68 -8.36
C THR C 126 9.97 -7.25 -9.43
N GLY C 127 11.28 -7.16 -9.26
CA GLY C 127 12.21 -7.63 -10.26
C GLY C 127 13.59 -7.82 -9.66
N THR C 128 14.44 -8.51 -10.42
CA THR C 128 15.81 -8.73 -10.03
C THR C 128 16.70 -8.55 -11.25
N PHE C 129 17.88 -7.95 -11.04
CA PHE C 129 18.81 -7.69 -12.13
C PHE C 129 20.21 -7.58 -11.56
N THR C 130 21.19 -7.46 -12.46
CA THR C 130 22.58 -7.35 -12.08
C THR C 130 23.14 -6.01 -12.55
N VAL C 131 23.94 -5.38 -11.67
CA VAL C 131 24.59 -4.12 -11.95
C VAL C 131 26.06 -4.24 -11.56
N VAL C 132 26.83 -3.24 -11.93
CA VAL C 132 28.25 -3.15 -11.58
C VAL C 132 28.48 -1.79 -10.95
N MET C 133 29.23 -1.77 -9.83
CA MET C 133 29.61 -0.51 -9.22
C MET C 133 30.53 0.24 -10.16
N ARG C 134 30.05 1.36 -10.71
CA ARG C 134 30.80 2.10 -11.70
C ARG C 134 32.01 2.77 -11.05
N PRO C 135 33.02 3.12 -11.85
CA PRO C 135 34.18 3.84 -11.28
C PRO C 135 33.80 5.13 -10.57
N ASN C 136 32.70 5.77 -10.94
CA ASN C 136 32.20 6.95 -10.24
C ASN C 136 31.25 6.60 -9.10
N TYR C 137 31.26 5.33 -8.66
CA TYR C 137 30.52 4.88 -7.48
C TYR C 137 29.01 5.09 -7.65
N THR C 138 28.50 4.74 -8.82
CA THR C 138 27.08 4.64 -9.07
C THR C 138 26.79 3.26 -9.64
N ILE C 139 25.50 2.99 -9.87
CA ILE C 139 25.07 1.81 -10.59
C ILE C 139 24.06 2.26 -11.62
N LYS C 140 23.95 1.49 -12.70
CA LYS C 140 23.00 1.81 -13.77
C LYS C 140 21.89 0.77 -13.72
N GLY C 141 20.93 1.01 -12.83
CA GLY C 141 19.84 0.11 -12.58
C GLY C 141 18.54 0.63 -13.13
N SER C 142 17.43 0.13 -12.58
CA SER C 142 16.10 0.59 -12.96
C SER C 142 15.28 0.71 -11.69
N PHE C 143 15.11 1.94 -11.20
CA PHE C 143 14.44 2.23 -9.95
C PHE C 143 13.42 3.33 -10.15
N LEU C 144 12.25 3.16 -9.55
CA LEU C 144 11.19 4.16 -9.57
C LEU C 144 11.03 4.73 -8.16
N CYS C 145 10.00 5.56 -7.98
CA CYS C 145 9.79 6.18 -6.68
C CYS C 145 9.28 5.14 -5.70
N GLY C 146 9.83 5.14 -4.49
CA GLY C 146 9.51 4.13 -3.51
C GLY C 146 10.39 2.91 -3.54
N SER C 147 11.40 2.89 -4.42
CA SER C 147 12.33 1.77 -4.53
C SER C 147 13.37 1.73 -3.42
N CYS C 148 13.48 2.79 -2.62
CA CYS C 148 14.53 2.84 -1.61
C CYS C 148 14.37 1.70 -0.62
N GLY C 149 15.50 1.23 -0.08
CA GLY C 149 15.52 0.04 0.71
C GLY C 149 15.78 -1.23 -0.07
N SER C 150 15.61 -1.22 -1.39
CA SER C 150 15.96 -2.38 -2.20
C SER C 150 17.42 -2.74 -1.98
N VAL C 151 17.72 -4.03 -2.02
CA VAL C 151 19.00 -4.54 -1.54
C VAL C 151 19.76 -5.17 -2.69
N GLY C 152 21.06 -4.97 -2.69
CA GLY C 152 21.95 -5.61 -3.65
C GLY C 152 22.88 -6.56 -2.90
N TYR C 153 23.07 -7.73 -3.48
CA TYR C 153 23.69 -8.83 -2.76
C TYR C 153 24.43 -9.72 -3.76
N THR C 154 25.35 -10.52 -3.22
CA THR C 154 25.92 -11.64 -3.93
C THR C 154 25.92 -12.84 -3.00
N LYS C 155 26.17 -14.01 -3.58
CA LYS C 155 26.24 -15.27 -2.83
C LYS C 155 27.42 -16.05 -3.34
N GLU C 156 28.38 -16.32 -2.46
CA GLU C 156 29.47 -17.24 -2.75
C GLU C 156 29.40 -18.38 -1.76
N GLY C 157 29.15 -19.58 -2.28
CA GLY C 157 28.93 -20.72 -1.42
C GLY C 157 27.56 -20.65 -0.75
N SER C 158 27.55 -20.89 0.55
CA SER C 158 26.31 -20.90 1.33
C SER C 158 25.93 -19.55 1.90
N VAL C 159 26.80 -18.55 1.80
CA VAL C 159 26.65 -17.28 2.50
C VAL C 159 26.29 -16.20 1.50
N ILE C 160 25.28 -15.40 1.82
CA ILE C 160 24.88 -14.25 1.00
C ILE C 160 25.62 -13.01 1.49
N ASN C 161 26.27 -12.31 0.58
CA ASN C 161 26.94 -11.05 0.92
C ASN C 161 26.04 -9.88 0.55
N PHE C 162 25.57 -9.15 1.57
CA PHE C 162 24.75 -7.96 1.37
C PHE C 162 25.67 -6.75 1.26
N CYS C 163 25.67 -6.12 0.09
CA CYS C 163 26.60 -5.04 -0.21
C CYS C 163 25.94 -3.71 -0.57
N TYR C 164 24.63 -3.67 -0.75
CA TYR C 164 23.98 -2.48 -1.28
C TYR C 164 22.57 -2.32 -0.75
N MET C 165 22.21 -1.10 -0.35
CA MET C 165 20.83 -0.72 -0.04
C MET C 165 20.53 0.58 -0.77
N HIS C 166 19.47 0.58 -1.59
CA HIS C 166 19.19 1.69 -2.50
C HIS C 166 18.84 2.98 -1.75
N GLN C 167 19.29 4.15 -2.30
CA GLN C 167 18.96 5.41 -1.65
C GLN C 167 18.52 6.55 -2.58
N MET C 168 19.03 6.64 -3.82
CA MET C 168 18.68 7.88 -4.51
C MET C 168 18.76 7.56 -6.00
N GLU C 169 18.09 8.38 -6.80
CA GLU C 169 18.42 8.47 -8.23
C GLU C 169 19.04 9.84 -8.47
N LEU C 170 20.28 9.87 -8.98
CA LEU C 170 21.01 11.14 -9.16
C LEU C 170 20.77 11.77 -10.52
N ALA C 171 20.77 10.97 -11.59
CA ALA C 171 20.48 11.42 -12.93
C ALA C 171 19.67 10.33 -13.63
N ASN C 172 19.35 10.56 -14.90
CA ASN C 172 18.56 9.57 -15.62
C ASN C 172 19.32 8.24 -15.66
N GLY C 173 18.71 7.20 -15.10
CA GLY C 173 19.33 5.89 -15.07
C GLY C 173 20.51 5.74 -14.14
N THR C 174 20.82 6.75 -13.32
CA THR C 174 21.96 6.72 -12.42
C THR C 174 21.49 6.66 -10.96
N HIS C 175 22.03 5.71 -10.20
CA HIS C 175 21.57 5.41 -8.86
C HIS C 175 22.77 5.15 -7.96
N THR C 176 22.53 5.15 -6.65
CA THR C 176 23.55 4.79 -5.66
C THR C 176 22.84 4.36 -4.38
N GLY C 177 23.64 3.94 -3.41
CA GLY C 177 23.10 3.46 -2.15
C GLY C 177 24.19 3.34 -1.12
N SER C 178 23.91 2.59 -0.05
CA SER C 178 24.85 2.45 1.04
C SER C 178 25.30 1.01 1.18
N ALA C 179 26.47 0.82 1.77
CA ALA C 179 26.86 -0.49 2.27
C ALA C 179 26.26 -0.67 3.65
N PHE C 180 26.20 -1.92 4.11
CA PHE C 180 25.54 -2.18 5.37
C PHE C 180 26.41 -1.84 6.58
N ASP C 181 27.59 -1.25 6.35
CA ASP C 181 28.33 -0.60 7.42
C ASP C 181 27.81 0.80 7.71
N GLY C 182 26.96 1.35 6.84
CA GLY C 182 26.43 2.69 6.97
C GLY C 182 26.97 3.69 5.98
N THR C 183 28.04 3.36 5.25
CA THR C 183 28.65 4.31 4.33
C THR C 183 27.97 4.28 2.97
N MET C 184 27.82 5.45 2.37
CA MET C 184 27.22 5.58 1.06
C MET C 184 28.33 5.56 0.01
N TYR C 185 28.14 4.76 -1.03
CA TYR C 185 29.16 4.64 -2.08
C TYR C 185 29.45 5.99 -2.70
N GLY C 186 30.73 6.31 -2.85
CA GLY C 186 31.13 7.58 -3.43
C GLY C 186 30.93 8.79 -2.55
N ALA C 187 30.61 8.60 -1.28
CA ALA C 187 30.44 9.67 -0.30
C ALA C 187 29.30 10.61 -0.64
N PHE C 188 28.34 10.16 -1.46
CA PHE C 188 27.14 10.95 -1.69
C PHE C 188 26.37 11.09 -0.38
N MET C 189 25.56 12.15 -0.31
CA MET C 189 24.81 12.48 0.89
C MET C 189 23.31 12.30 0.64
N ASP C 190 22.62 11.72 1.63
CA ASP C 190 21.17 11.52 1.55
C ASP C 190 20.50 12.85 1.88
N LYS C 191 20.62 13.76 0.92
CA LYS C 191 20.12 15.11 0.98
C LYS C 191 19.66 15.43 -0.43
N GLN C 192 18.42 15.89 -0.59
CA GLN C 192 17.94 16.13 -1.95
C GLN C 192 18.52 17.46 -2.44
N VAL C 193 19.80 17.41 -2.77
CA VAL C 193 20.53 18.50 -3.39
C VAL C 193 21.23 17.91 -4.60
N HIS C 194 21.56 18.76 -5.55
CA HIS C 194 22.28 18.25 -6.70
C HIS C 194 23.72 17.94 -6.32
N GLN C 195 24.16 16.73 -6.65
CA GLN C 195 25.49 16.25 -6.31
C GLN C 195 26.17 15.80 -7.59
N VAL C 196 27.29 16.43 -7.92
CA VAL C 196 27.96 16.15 -9.17
C VAL C 196 28.71 14.83 -9.03
N GLN C 197 28.68 14.04 -10.10
CA GLN C 197 29.37 12.76 -10.11
C GLN C 197 30.70 12.93 -10.83
N LEU C 198 31.66 12.09 -10.46
CA LEU C 198 32.89 12.06 -11.22
C LEU C 198 32.62 11.29 -12.52
N THR C 199 33.64 11.26 -13.37
CA THR C 199 33.48 10.68 -14.71
C THR C 199 33.44 9.16 -14.69
N ASP C 200 32.52 8.62 -15.49
CA ASP C 200 32.39 7.19 -15.67
C ASP C 200 33.53 6.69 -16.55
N LYS C 201 33.94 5.45 -16.31
CA LYS C 201 35.04 4.89 -17.06
C LYS C 201 34.69 3.45 -17.44
N TYR C 202 35.36 2.97 -18.49
CA TYR C 202 35.27 1.56 -18.85
C TYR C 202 36.08 0.75 -17.86
N CYS C 203 35.53 -0.38 -17.42
CA CYS C 203 36.21 -1.25 -16.47
C CYS C 203 37.05 -2.23 -17.26
N SER C 204 38.37 -1.99 -17.29
CA SER C 204 39.27 -2.75 -18.16
C SER C 204 39.23 -4.24 -17.82
N VAL C 205 39.33 -4.56 -16.54
CA VAL C 205 39.35 -5.96 -16.12
C VAL C 205 38.12 -6.69 -16.64
N ASN C 206 36.96 -6.03 -16.62
CA ASN C 206 35.74 -6.68 -17.07
C ASN C 206 35.70 -6.85 -18.58
N VAL C 207 36.24 -5.87 -19.32
CA VAL C 207 36.34 -6.01 -20.77
C VAL C 207 37.24 -7.18 -21.11
N VAL C 208 38.33 -7.35 -20.35
CA VAL C 208 39.22 -8.48 -20.57
C VAL C 208 38.49 -9.79 -20.31
N ALA C 209 37.73 -9.85 -19.21
CA ALA C 209 36.94 -11.04 -18.93
C ALA C 209 35.93 -11.30 -20.04
N TRP C 210 35.32 -10.24 -20.56
CA TRP C 210 34.31 -10.40 -21.60
C TRP C 210 34.94 -10.89 -22.90
N LEU C 211 36.15 -10.41 -23.22
CA LEU C 211 36.84 -10.91 -24.40
C LEU C 211 37.23 -12.38 -24.23
N TYR C 212 37.66 -12.76 -23.03
CA TYR C 212 37.94 -14.17 -22.75
C TYR C 212 36.70 -15.02 -22.93
N ALA C 213 35.53 -14.50 -22.50
CA ALA C 213 34.28 -15.21 -22.70
C ALA C 213 33.99 -15.40 -24.19
N ALA C 214 34.12 -14.32 -24.97
CA ALA C 214 33.90 -14.42 -26.41
C ALA C 214 34.83 -15.44 -27.05
N ILE C 215 36.09 -15.46 -26.64
CA ILE C 215 37.03 -16.45 -27.16
C ILE C 215 36.54 -17.85 -26.85
N LEU C 216 36.16 -18.09 -25.59
CA LEU C 216 35.68 -19.39 -25.17
C LEU C 216 34.33 -19.75 -25.79
N ASN C 217 33.69 -18.83 -26.50
CA ASN C 217 32.48 -19.10 -27.25
C ASN C 217 32.73 -19.06 -28.75
N GLY C 218 33.96 -19.31 -29.17
CA GLY C 218 34.27 -19.40 -30.58
C GLY C 218 34.31 -18.10 -31.35
N CYS C 219 34.52 -16.98 -30.66
CA CYS C 219 34.59 -15.65 -31.28
C CYS C 219 35.94 -15.04 -30.92
N ALA C 220 36.91 -15.14 -31.83
CA ALA C 220 38.26 -14.70 -31.52
C ALA C 220 38.94 -14.06 -32.73
N TRP C 221 38.16 -13.42 -33.61
CA TRP C 221 38.74 -12.73 -34.75
C TRP C 221 39.63 -11.56 -34.32
N PHE C 222 39.33 -10.97 -33.16
CA PHE C 222 40.04 -9.79 -32.67
C PHE C 222 41.40 -10.11 -32.06
N VAL C 223 41.73 -11.39 -31.90
CA VAL C 223 42.98 -11.78 -31.27
C VAL C 223 44.09 -11.75 -32.31
N LYS C 224 45.15 -11.01 -32.02
CA LYS C 224 46.36 -10.99 -32.80
C LYS C 224 47.52 -11.45 -31.94
N PRO C 225 48.67 -11.80 -32.53
CA PRO C 225 49.83 -12.14 -31.69
C PRO C 225 50.34 -10.94 -30.91
N ASN C 226 50.01 -9.72 -31.35
CA ASN C 226 50.48 -8.50 -30.70
C ASN C 226 50.11 -8.47 -29.23
N ARG C 227 50.96 -7.80 -28.45
CA ARG C 227 50.81 -7.72 -27.00
C ARG C 227 50.97 -6.28 -26.55
N THR C 228 50.50 -6.00 -25.35
CA THR C 228 50.61 -4.68 -24.73
C THR C 228 50.86 -4.89 -23.24
N SER C 229 52.00 -4.41 -22.74
CA SER C 229 52.29 -4.53 -21.33
C SER C 229 51.14 -3.96 -20.51
N VAL C 230 51.00 -4.47 -19.29
CA VAL C 230 50.01 -3.91 -18.38
C VAL C 230 50.36 -2.46 -18.09
N VAL C 231 51.65 -2.12 -18.09
CA VAL C 231 52.02 -0.73 -17.80
C VAL C 231 51.72 0.18 -19.00
N SER C 232 51.93 -0.29 -20.24
CA SER C 232 51.46 0.52 -21.38
C SER C 232 49.95 0.71 -21.35
N PHE C 233 49.23 -0.33 -20.95
CA PHE C 233 47.79 -0.21 -21.01
C PHE C 233 47.26 0.72 -19.93
N ASN C 234 47.90 0.74 -18.76
CA ASN C 234 47.45 1.63 -17.70
C ASN C 234 47.82 3.09 -18.00
N GLU C 235 48.99 3.33 -18.59
CA GLU C 235 49.31 4.68 -19.02
C GLU C 235 48.36 5.16 -20.10
N TRP C 236 48.04 4.28 -21.05
CA TRP C 236 47.03 4.61 -22.06
C TRP C 236 45.66 4.78 -21.44
N ALA C 237 45.36 4.03 -20.37
CA ALA C 237 44.02 4.01 -19.82
C ALA C 237 43.68 5.30 -19.09
N LEU C 238 44.61 5.84 -18.30
CA LEU C 238 44.31 7.05 -17.53
C LEU C 238 44.10 8.28 -18.42
N ALA C 239 44.45 8.19 -19.69
CA ALA C 239 44.27 9.30 -20.62
C ALA C 239 43.14 9.06 -21.61
N ASN C 240 42.69 7.82 -21.75
CA ASN C 240 41.58 7.49 -22.62
C ASN C 240 40.46 6.79 -21.88
N GLN C 241 40.28 7.16 -20.61
CA GLN C 241 38.97 6.97 -19.98
C GLN C 241 38.67 5.49 -19.74
N PHE C 242 39.70 4.76 -19.25
CA PHE C 242 39.63 3.39 -18.76
C PHE C 242 40.18 3.31 -17.34
N THR C 243 39.71 2.31 -16.61
CA THR C 243 40.20 2.04 -15.25
C THR C 243 41.57 1.39 -15.28
N GLU C 244 42.27 1.46 -14.15
CA GLU C 244 43.56 0.79 -14.04
C GLU C 244 43.34 -0.71 -14.01
N PHE C 245 43.95 -1.43 -14.95
CA PHE C 245 43.81 -2.87 -14.98
C PHE C 245 44.64 -3.49 -13.85
N VAL C 246 44.04 -4.43 -13.12
CA VAL C 246 44.76 -5.20 -12.10
C VAL C 246 44.32 -6.65 -12.25
N GLY C 247 45.28 -7.52 -12.54
CA GLY C 247 44.96 -8.92 -12.76
C GLY C 247 44.54 -9.64 -11.50
N THR C 248 43.77 -10.72 -11.69
CA THR C 248 43.34 -11.60 -10.62
C THR C 248 43.53 -13.04 -11.07
N GLN C 249 43.44 -13.98 -10.11
CA GLN C 249 43.62 -15.38 -10.46
C GLN C 249 42.49 -15.93 -11.32
N SER C 250 41.31 -15.33 -11.25
CA SER C 250 40.24 -15.72 -12.17
C SER C 250 40.58 -15.32 -13.60
N VAL C 251 41.08 -14.09 -13.79
CA VAL C 251 41.55 -13.70 -15.12
C VAL C 251 42.66 -14.64 -15.58
N ASP C 252 43.53 -15.06 -14.65
CA ASP C 252 44.60 -15.98 -15.01
C ASP C 252 44.05 -17.35 -15.37
N MET C 253 42.97 -17.78 -14.71
CA MET C 253 42.31 -19.02 -15.09
C MET C 253 41.82 -18.94 -16.53
N LEU C 254 41.18 -17.83 -16.90
CA LEU C 254 40.71 -17.64 -18.27
C LEU C 254 41.87 -17.67 -19.26
N ALA C 255 42.97 -17.00 -18.92
CA ALA C 255 44.15 -17.02 -19.78
C ALA C 255 44.70 -18.43 -19.93
N VAL C 256 44.70 -19.21 -18.85
CA VAL C 256 45.22 -20.57 -18.89
C VAL C 256 44.37 -21.45 -19.79
N LYS C 257 43.04 -21.27 -19.74
CA LYS C 257 42.16 -22.09 -20.55
C LYS C 257 42.12 -21.64 -22.00
N THR C 258 42.37 -20.35 -22.26
CA THR C 258 42.34 -19.82 -23.62
C THR C 258 43.68 -19.92 -24.33
N GLY C 259 44.78 -20.05 -23.59
CA GLY C 259 46.09 -19.94 -24.20
C GLY C 259 46.35 -18.57 -24.79
N VAL C 260 45.58 -17.58 -24.37
CA VAL C 260 45.70 -16.20 -24.86
C VAL C 260 46.07 -15.33 -23.66
N ALA C 261 47.18 -14.59 -23.79
CA ALA C 261 47.69 -13.81 -22.68
C ALA C 261 46.87 -12.56 -22.48
N ILE C 262 46.89 -12.06 -21.23
CA ILE C 262 46.21 -10.82 -20.90
C ILE C 262 46.70 -9.68 -21.79
N GLU C 263 48.02 -9.64 -22.01
CA GLU C 263 48.62 -8.56 -22.80
C GLU C 263 48.08 -8.54 -24.22
N GLN C 264 47.82 -9.72 -24.79
CA GLN C 264 47.20 -9.78 -26.11
C GLN C 264 45.86 -9.06 -26.12
N LEU C 265 45.03 -9.30 -25.10
CA LEU C 265 43.71 -8.69 -25.05
C LEU C 265 43.76 -7.22 -24.69
N LEU C 266 44.78 -6.79 -23.95
CA LEU C 266 44.96 -5.37 -23.71
C LEU C 266 45.28 -4.64 -25.02
N TYR C 267 46.13 -5.23 -25.85
CA TYR C 267 46.34 -4.70 -27.20
C TYR C 267 45.03 -4.68 -27.97
N ALA C 268 44.25 -5.76 -27.89
CA ALA C 268 42.98 -5.83 -28.59
C ALA C 268 42.04 -4.73 -28.13
N ILE C 269 42.03 -4.42 -26.84
CA ILE C 269 41.18 -3.35 -26.32
C ILE C 269 41.63 -2.01 -26.88
N GLN C 270 42.94 -1.76 -26.86
CA GLN C 270 43.48 -0.52 -27.42
C GLN C 270 43.05 -0.32 -28.86
N GLN C 271 43.03 -1.40 -29.65
CA GLN C 271 42.69 -1.29 -31.06
C GLN C 271 41.18 -1.22 -31.30
N LEU C 272 40.39 -1.91 -30.47
CA LEU C 272 38.94 -2.01 -30.67
C LEU C 272 38.16 -0.87 -30.04
N TYR C 273 38.76 -0.11 -29.13
CA TYR C 273 38.06 1.04 -28.54
C TYR C 273 37.63 2.01 -29.61
N THR C 274 38.30 1.97 -30.77
CA THR C 274 37.97 2.82 -31.91
C THR C 274 36.65 2.41 -32.55
N GLY C 275 36.48 1.13 -32.86
CA GLY C 275 35.33 0.62 -33.58
C GLY C 275 35.52 -0.82 -34.00
N PHE C 276 34.42 -1.59 -34.08
CA PHE C 276 34.51 -3.02 -34.33
C PHE C 276 34.57 -3.39 -35.81
N GLN C 277 34.63 -2.42 -36.72
CA GLN C 277 34.73 -2.67 -38.16
C GLN C 277 33.53 -3.46 -38.69
N GLY C 278 32.36 -3.24 -38.10
CA GLY C 278 31.15 -3.92 -38.50
C GLY C 278 31.03 -5.36 -38.08
N LYS C 279 32.02 -5.89 -37.37
CA LYS C 279 31.96 -7.25 -36.83
C LYS C 279 31.30 -7.24 -35.46
N GLN C 280 30.94 -8.43 -34.98
CA GLN C 280 30.28 -8.56 -33.69
C GLN C 280 31.12 -9.40 -32.74
N ILE C 281 30.97 -9.12 -31.45
CA ILE C 281 31.59 -9.90 -30.38
C ILE C 281 30.48 -10.24 -29.40
N LEU C 282 30.06 -11.51 -29.38
CA LEU C 282 28.92 -11.95 -28.56
C LEU C 282 27.73 -11.02 -28.73
N GLY C 283 27.44 -10.64 -29.97
CA GLY C 283 26.33 -9.78 -30.25
C GLY C 283 26.58 -8.30 -30.10
N SER C 284 27.62 -7.87 -29.39
CA SER C 284 27.88 -6.44 -29.29
C SER C 284 28.69 -5.88 -30.44
N THR C 285 28.36 -4.64 -30.77
CA THR C 285 29.16 -3.77 -31.62
C THR C 285 29.91 -2.74 -30.78
N MET C 286 29.88 -2.85 -29.45
CA MET C 286 30.63 -1.96 -28.56
C MET C 286 31.22 -2.79 -27.43
N LEU C 287 32.18 -2.21 -26.71
CA LEU C 287 32.78 -2.90 -25.57
C LEU C 287 31.82 -3.02 -24.39
N GLU C 288 31.84 -4.18 -23.74
CA GLU C 288 30.96 -4.50 -22.63
C GLU C 288 31.80 -4.73 -21.37
N ASP C 289 31.51 -3.95 -20.31
CA ASP C 289 32.21 -4.08 -19.04
C ASP C 289 31.28 -4.53 -17.92
N GLU C 290 30.12 -5.10 -18.25
CA GLU C 290 29.16 -5.55 -17.25
C GLU C 290 29.46 -6.94 -16.70
N PHE C 291 30.49 -7.62 -17.19
CA PHE C 291 30.77 -9.00 -16.84
C PHE C 291 32.13 -9.08 -16.17
N THR C 292 32.16 -9.56 -14.93
CA THR C 292 33.38 -9.69 -14.15
C THR C 292 34.07 -11.01 -14.45
N PRO C 293 35.37 -11.10 -14.16
CA PRO C 293 36.08 -12.38 -14.32
C PRO C 293 35.43 -13.52 -13.57
N GLU C 294 34.97 -13.28 -12.34
CA GLU C 294 34.29 -14.32 -11.59
C GLU C 294 33.00 -14.74 -12.29
N ASP C 295 32.27 -13.76 -12.83
CA ASP C 295 31.04 -14.06 -13.56
C ASP C 295 31.33 -14.90 -14.80
N VAL C 296 32.37 -14.54 -15.56
CA VAL C 296 32.68 -15.28 -16.77
C VAL C 296 33.11 -16.70 -16.45
N ASN C 297 33.95 -16.86 -15.43
CA ASN C 297 34.34 -18.20 -15.00
C ASN C 297 33.12 -19.04 -14.65
N MET C 298 32.21 -18.48 -13.87
CA MET C 298 31.06 -19.25 -13.41
C MET C 298 30.12 -19.60 -14.56
N GLN C 299 29.94 -18.69 -15.51
CA GLN C 299 29.02 -18.93 -16.62
C GLN C 299 29.63 -19.82 -17.70
N ILE C 300 30.93 -19.71 -17.93
CA ILE C 300 31.59 -20.35 -19.05
C ILE C 300 32.22 -21.67 -18.65
N MET C 301 32.86 -21.72 -17.48
CA MET C 301 33.56 -22.91 -17.03
C MET C 301 32.93 -23.57 -15.83
N GLY C 302 31.98 -22.91 -15.16
CA GLY C 302 31.36 -23.53 -14.00
C GLY C 302 32.24 -23.51 -12.79
N VAL C 303 33.24 -22.62 -12.78
CA VAL C 303 34.17 -22.48 -11.67
C VAL C 303 33.62 -21.44 -10.70
N VAL C 304 32.96 -21.91 -9.64
CA VAL C 304 32.41 -21.03 -8.62
C VAL C 304 33.42 -20.91 -7.48
N SER D 1 13.92 5.91 -13.09
CA SER D 1 14.18 5.69 -14.51
C SER D 1 15.30 4.68 -14.73
N GLY D 2 15.52 4.30 -15.97
CA GLY D 2 16.50 3.31 -16.34
C GLY D 2 15.86 2.02 -16.82
N LEU D 3 16.54 1.36 -17.77
CA LEU D 3 16.05 0.13 -18.36
C LEU D 3 17.16 -0.92 -18.37
N VAL D 4 16.89 -2.06 -17.77
CA VAL D 4 17.85 -3.16 -17.67
C VAL D 4 17.14 -4.45 -18.07
N LYS D 5 17.93 -5.49 -18.31
CA LYS D 5 17.37 -6.81 -18.49
C LYS D 5 16.92 -7.33 -17.13
N MET D 6 15.61 -7.45 -16.96
CA MET D 6 15.01 -7.71 -15.66
C MET D 6 14.33 -9.07 -15.65
N SER D 7 14.56 -9.82 -14.59
CA SER D 7 13.97 -11.14 -14.42
C SER D 7 12.96 -11.09 -13.29
N HIS D 8 12.00 -11.97 -13.34
CA HIS D 8 11.03 -12.03 -12.27
C HIS D 8 11.65 -12.70 -11.05
N PRO D 9 11.33 -12.22 -9.84
CA PRO D 9 11.82 -12.89 -8.62
C PRO D 9 11.49 -14.38 -8.64
N SER D 10 12.45 -15.20 -8.22
CA SER D 10 12.43 -16.63 -8.52
C SER D 10 12.05 -17.52 -7.34
N GLY D 11 11.83 -16.95 -6.16
CA GLY D 11 11.49 -17.78 -4.99
C GLY D 11 10.32 -18.70 -5.29
N ASP D 12 9.29 -18.16 -5.94
CA ASP D 12 8.15 -18.96 -6.38
C ASP D 12 8.60 -20.27 -7.02
N VAL D 13 9.58 -20.18 -7.92
CA VAL D 13 10.00 -21.33 -8.70
C VAL D 13 11.13 -22.11 -8.05
N GLU D 14 12.00 -21.43 -7.28
CA GLU D 14 13.01 -22.13 -6.50
C GLU D 14 12.40 -23.22 -5.63
N ALA D 15 11.23 -22.94 -5.05
CA ALA D 15 10.54 -23.89 -4.19
C ALA D 15 10.01 -25.11 -4.94
N CYS D 16 10.17 -25.17 -6.26
CA CYS D 16 9.61 -26.25 -7.07
C CYS D 16 10.65 -27.03 -7.86
N MET D 17 11.94 -26.77 -7.66
CA MET D 17 12.99 -27.44 -8.42
C MET D 17 13.48 -28.68 -7.66
N VAL D 18 13.62 -29.79 -8.38
CA VAL D 18 14.12 -31.05 -7.83
C VAL D 18 15.13 -31.65 -8.79
N GLN D 19 15.82 -32.70 -8.32
CA GLN D 19 16.76 -33.45 -9.14
C GLN D 19 16.15 -34.78 -9.55
N VAL D 20 16.21 -35.09 -10.84
CA VAL D 20 15.68 -36.33 -11.39
C VAL D 20 16.86 -37.18 -11.88
N THR D 21 16.90 -38.44 -11.46
CA THR D 21 17.98 -39.35 -11.77
C THR D 21 17.42 -40.62 -12.40
N CYS D 22 17.99 -41.01 -13.54
CA CYS D 22 17.62 -42.25 -14.22
C CYS D 22 18.91 -42.95 -14.67
N GLY D 23 19.24 -44.05 -14.00
CA GLY D 23 20.48 -44.74 -14.30
C GLY D 23 21.65 -43.89 -13.85
N SER D 24 22.50 -43.50 -14.79
CA SER D 24 23.62 -42.63 -14.54
C SER D 24 23.40 -41.21 -15.06
N MET D 25 22.25 -40.91 -15.65
CA MET D 25 21.97 -39.56 -16.11
C MET D 25 21.14 -38.85 -15.05
N THR D 26 21.50 -37.60 -14.78
CA THR D 26 20.84 -36.76 -13.77
C THR D 26 20.60 -35.37 -14.36
N LEU D 27 19.43 -34.81 -14.10
CA LEU D 27 19.09 -33.48 -14.56
C LEU D 27 18.11 -32.86 -13.57
N ASN D 28 17.46 -31.77 -13.99
CA ASN D 28 16.53 -31.04 -13.14
C ASN D 28 15.09 -31.37 -13.52
N GLY D 29 14.19 -31.19 -12.56
CA GLY D 29 12.79 -31.44 -12.78
C GLY D 29 11.94 -30.42 -12.05
N LEU D 30 10.72 -30.24 -12.55
CA LEU D 30 9.78 -29.27 -12.00
C LEU D 30 8.71 -30.00 -11.20
N TRP D 31 8.58 -29.64 -9.92
CA TRP D 31 7.73 -30.33 -8.97
C TRP D 31 6.48 -29.47 -8.71
N LEU D 32 5.36 -29.87 -9.30
CA LEU D 32 4.08 -29.19 -9.12
C LEU D 32 3.09 -30.21 -8.58
N ASP D 33 2.56 -29.96 -7.38
CA ASP D 33 1.66 -30.89 -6.72
C ASP D 33 2.26 -32.28 -6.66
N ASN D 34 1.58 -33.27 -7.23
CA ASN D 34 2.04 -34.65 -7.21
C ASN D 34 2.70 -35.06 -8.52
N THR D 35 3.15 -34.10 -9.32
CA THR D 35 3.77 -34.38 -10.61
C THR D 35 5.15 -33.77 -10.67
N VAL D 36 6.07 -34.47 -11.35
CA VAL D 36 7.39 -33.97 -11.64
C VAL D 36 7.61 -34.06 -13.14
N TRP D 37 7.78 -32.93 -13.79
CA TRP D 37 8.10 -32.89 -15.21
C TRP D 37 9.62 -32.85 -15.35
N CYS D 38 10.14 -33.61 -16.31
CA CYS D 38 11.58 -33.64 -16.51
C CYS D 38 11.86 -34.03 -17.96
N PRO D 39 13.08 -33.75 -18.43
CA PRO D 39 13.43 -34.21 -19.79
C PRO D 39 13.35 -35.72 -19.93
N ARG D 40 12.86 -36.16 -21.10
CA ARG D 40 12.73 -37.59 -21.34
C ARG D 40 14.06 -38.23 -21.71
N HIS D 41 15.01 -37.45 -22.23
CA HIS D 41 16.30 -38.04 -22.59
C HIS D 41 17.11 -38.46 -21.37
N VAL D 42 16.58 -38.28 -20.16
CA VAL D 42 17.18 -38.87 -18.97
C VAL D 42 17.15 -40.39 -19.05
N MET D 43 16.24 -40.96 -19.83
CA MET D 43 16.17 -42.41 -19.97
C MET D 43 17.20 -42.95 -20.95
N CYS D 44 17.69 -42.11 -21.87
CA CYS D 44 18.53 -42.59 -22.95
C CYS D 44 19.99 -42.37 -22.58
N PRO D 45 20.81 -43.40 -22.56
CA PRO D 45 22.22 -43.18 -22.26
C PRO D 45 22.88 -42.48 -23.43
N ALA D 46 24.15 -42.12 -23.27
CA ALA D 46 24.84 -41.45 -24.38
C ALA D 46 25.02 -42.44 -25.50
N ASP D 47 24.63 -43.70 -25.30
CA ASP D 47 25.00 -44.72 -26.27
C ASP D 47 24.23 -44.50 -27.57
N GLN D 48 22.92 -44.27 -27.43
CA GLN D 48 21.94 -44.15 -28.51
C GLN D 48 21.35 -42.74 -28.63
N LEU D 49 22.14 -41.71 -28.39
CA LEU D 49 21.63 -40.36 -28.51
C LEU D 49 21.42 -39.95 -29.96
N SER D 50 21.79 -40.83 -30.92
CA SER D 50 21.80 -40.67 -32.38
C SER D 50 20.55 -41.20 -33.11
N ASP D 51 19.97 -42.32 -32.67
CA ASP D 51 18.62 -42.75 -33.09
C ASP D 51 17.91 -43.47 -31.96
N PRO D 52 17.38 -42.73 -31.00
CA PRO D 52 16.67 -43.35 -29.87
C PRO D 52 15.21 -43.56 -30.16
N ASN D 53 14.70 -44.68 -29.68
CA ASN D 53 13.28 -45.01 -29.73
C ASN D 53 12.77 -44.93 -28.30
N TYR D 54 12.33 -43.72 -27.94
CA TYR D 54 12.02 -43.38 -26.55
C TYR D 54 10.90 -44.25 -26.00
N ASP D 55 9.98 -44.68 -26.87
CA ASP D 55 8.92 -45.58 -26.44
C ASP D 55 9.50 -46.88 -25.88
N ALA D 56 10.46 -47.48 -26.58
CA ALA D 56 11.10 -48.69 -26.10
C ALA D 56 11.84 -48.42 -24.79
N LEU D 57 12.47 -47.26 -24.69
CA LEU D 57 13.15 -46.88 -23.46
C LEU D 57 12.15 -46.74 -22.30
N LEU D 58 10.92 -46.31 -22.62
CA LEU D 58 9.93 -46.10 -21.57
C LEU D 58 9.36 -47.41 -21.04
N ILE D 59 9.00 -48.34 -21.93
CA ILE D 59 8.47 -49.62 -21.48
C ILE D 59 9.52 -50.37 -20.70
N SER D 60 10.80 -50.05 -20.93
CA SER D 60 11.91 -50.58 -20.17
C SER D 60 11.90 -50.14 -18.71
N MET D 61 11.15 -49.11 -18.36
CA MET D 61 11.30 -48.42 -17.08
C MET D 61 10.34 -48.97 -16.03
N THR D 62 10.80 -48.94 -14.77
CA THR D 62 9.98 -49.16 -13.58
C THR D 62 9.94 -47.87 -12.77
N ASN D 63 9.11 -47.86 -11.72
CA ASN D 63 9.08 -46.69 -10.84
C ASN D 63 10.35 -46.56 -10.02
N HIS D 64 11.14 -47.64 -9.91
CA HIS D 64 12.43 -47.56 -9.23
C HIS D 64 13.54 -47.16 -10.19
N SER D 65 13.25 -47.11 -11.50
CA SER D 65 14.20 -46.57 -12.47
C SER D 65 14.45 -45.08 -12.26
N PHE D 66 13.56 -44.39 -11.54
CA PHE D 66 13.63 -42.95 -11.34
C PHE D 66 13.86 -42.63 -9.87
N SER D 67 14.71 -41.64 -9.62
CA SER D 67 14.98 -41.12 -8.29
C SER D 67 14.79 -39.61 -8.34
N VAL D 68 14.02 -39.08 -7.39
CA VAL D 68 13.70 -37.66 -7.33
C VAL D 68 14.12 -37.14 -5.96
N GLN D 69 14.87 -36.05 -5.95
CA GLN D 69 15.47 -35.55 -4.73
C GLN D 69 15.24 -34.05 -4.63
N LYS D 70 14.94 -33.57 -3.42
CA LYS D 70 14.68 -32.15 -3.19
C LYS D 70 15.74 -31.64 -2.22
N HIS D 71 16.53 -30.66 -2.66
CA HIS D 71 17.69 -30.22 -1.91
C HIS D 71 17.47 -28.93 -1.13
N ILE D 72 16.50 -28.09 -1.50
CA ILE D 72 16.30 -26.81 -0.82
C ILE D 72 15.18 -26.88 0.19
N GLY D 73 15.32 -26.03 1.21
CA GLY D 73 14.42 -26.01 2.34
C GLY D 73 14.62 -27.27 3.18
N ALA D 74 13.58 -28.09 3.28
CA ALA D 74 13.72 -29.36 4.00
C ALA D 74 14.02 -30.44 2.98
N PRO D 75 15.24 -30.95 2.91
CA PRO D 75 15.53 -31.95 1.88
C PRO D 75 14.75 -33.21 2.15
N ALA D 76 14.37 -33.86 1.06
CA ALA D 76 13.62 -35.09 1.16
C ALA D 76 13.70 -35.80 -0.17
N ASN D 77 13.49 -37.11 -0.08
CA ASN D 77 13.42 -38.03 -1.17
C ASN D 77 11.97 -38.29 -1.52
N LEU D 78 11.64 -38.32 -2.80
CA LEU D 78 10.25 -38.56 -3.18
C LEU D 78 10.10 -39.87 -3.92
N ARG D 79 9.32 -40.79 -3.33
CA ARG D 79 8.95 -42.04 -4.00
C ARG D 79 8.19 -41.79 -5.29
N VAL D 80 8.60 -42.46 -6.36
CA VAL D 80 7.94 -42.34 -7.65
C VAL D 80 6.77 -43.31 -7.72
N VAL D 81 5.58 -42.79 -8.00
CA VAL D 81 4.35 -43.58 -8.00
C VAL D 81 3.83 -43.86 -9.41
N GLY D 82 4.37 -43.18 -10.42
CA GLY D 82 3.95 -43.42 -11.80
C GLY D 82 4.88 -42.78 -12.81
N HIS D 83 5.00 -43.37 -14.00
CA HIS D 83 5.78 -42.78 -15.07
C HIS D 83 4.93 -42.75 -16.34
N ALA D 84 4.94 -41.60 -17.01
CA ALA D 84 4.26 -41.44 -18.28
C ALA D 84 5.11 -40.57 -19.17
N MET D 85 4.87 -40.65 -20.48
CA MET D 85 5.56 -39.81 -21.46
C MET D 85 4.56 -38.90 -22.14
N GLN D 86 4.95 -37.64 -22.33
CA GLN D 86 4.11 -36.65 -23.00
C GLN D 86 5.01 -35.82 -23.90
N GLY D 87 4.92 -36.05 -25.20
CA GLY D 87 5.81 -35.37 -26.13
C GLY D 87 7.27 -35.66 -25.83
N THR D 88 8.02 -34.61 -25.49
CA THR D 88 9.45 -34.74 -25.20
C THR D 88 9.76 -34.67 -23.71
N LEU D 89 8.75 -34.84 -22.86
CA LEU D 89 8.94 -34.79 -21.41
C LEU D 89 8.38 -36.03 -20.74
N LEU D 90 8.90 -36.30 -19.55
CA LEU D 90 8.42 -37.39 -18.68
C LEU D 90 7.52 -36.82 -17.61
N LYS D 91 6.40 -37.48 -17.40
CA LYS D 91 5.45 -37.02 -16.40
C LYS D 91 5.55 -38.03 -15.27
N LEU D 92 6.15 -37.66 -14.12
CA LEU D 92 6.35 -38.61 -13.02
C LEU D 92 5.41 -38.29 -11.87
N THR D 93 4.57 -39.25 -11.51
CA THR D 93 3.68 -39.12 -10.38
C THR D 93 4.40 -39.55 -9.09
N VAL D 94 4.34 -38.71 -8.06
CA VAL D 94 5.05 -38.96 -6.82
C VAL D 94 4.07 -39.00 -5.66
N ASP D 95 4.52 -39.61 -4.56
CA ASP D 95 3.68 -39.84 -3.38
C ASP D 95 3.47 -38.59 -2.55
N VAL D 96 4.31 -37.57 -2.70
CA VAL D 96 4.23 -36.36 -1.89
C VAL D 96 3.86 -35.20 -2.80
N ALA D 97 2.90 -34.39 -2.37
CA ALA D 97 2.51 -33.18 -3.07
C ALA D 97 3.37 -32.00 -2.61
N ASN D 98 3.84 -31.21 -3.57
CA ASN D 98 4.63 -30.02 -3.26
C ASN D 98 3.77 -29.05 -2.46
N PRO D 99 4.11 -28.76 -1.20
CA PRO D 99 3.27 -27.85 -0.40
C PRO D 99 3.33 -26.40 -0.84
N SER D 100 4.36 -26.00 -1.59
CA SER D 100 4.51 -24.64 -2.10
C SER D 100 4.17 -24.54 -3.59
N THR D 101 3.23 -25.34 -4.06
CA THR D 101 2.82 -25.27 -5.46
C THR D 101 2.08 -23.96 -5.70
N PRO D 102 2.54 -23.13 -6.62
CA PRO D 102 1.84 -21.87 -6.91
C PRO D 102 0.73 -22.09 -7.94
N ALA D 103 -0.11 -21.08 -8.07
CA ALA D 103 -1.05 -21.04 -9.18
C ALA D 103 -0.27 -20.93 -10.48
N TYR D 104 -0.53 -21.83 -11.41
CA TYR D 104 0.27 -21.91 -12.61
C TYR D 104 -0.59 -22.28 -13.82
N THR D 105 0.00 -22.09 -15.00
CA THR D 105 -0.62 -22.41 -16.28
C THR D 105 0.44 -23.08 -17.15
N PHE D 106 -0.03 -23.76 -18.19
CA PHE D 106 0.86 -24.28 -19.21
C PHE D 106 0.37 -23.70 -20.54
N THR D 107 0.93 -22.55 -20.91
CA THR D 107 0.64 -21.93 -22.20
C THR D 107 1.95 -21.72 -22.93
N THR D 108 1.95 -22.03 -24.22
CA THR D 108 3.14 -21.91 -25.04
C THR D 108 3.30 -20.49 -25.56
N VAL D 109 4.46 -19.88 -25.31
CA VAL D 109 4.74 -18.54 -25.78
C VAL D 109 5.11 -18.58 -27.26
N LYS D 110 4.85 -17.49 -27.95
CA LYS D 110 5.18 -17.32 -29.36
C LYS D 110 6.46 -16.53 -29.51
N PRO D 111 7.06 -16.50 -30.70
CA PRO D 111 8.29 -15.73 -30.91
C PRO D 111 8.09 -14.26 -30.53
N GLY D 112 9.14 -13.67 -29.97
CA GLY D 112 9.08 -12.31 -29.50
C GLY D 112 8.73 -12.17 -28.03
N ALA D 113 8.09 -13.18 -27.45
CA ALA D 113 7.73 -13.14 -26.04
C ALA D 113 8.95 -13.37 -25.17
N ALA D 114 8.93 -12.82 -23.96
CA ALA D 114 10.03 -12.92 -23.03
C ALA D 114 9.57 -13.68 -21.78
N PHE D 115 10.51 -14.39 -21.17
CA PHE D 115 10.23 -15.07 -19.91
C PHE D 115 11.50 -15.15 -19.08
N SER D 116 11.32 -15.21 -17.77
CA SER D 116 12.44 -15.37 -16.83
C SER D 116 12.84 -16.84 -16.79
N VAL D 117 14.14 -17.10 -16.88
CA VAL D 117 14.68 -18.45 -16.86
C VAL D 117 15.38 -18.67 -15.52
N LEU D 118 15.11 -19.80 -14.90
CA LEU D 118 15.82 -20.24 -13.70
C LEU D 118 16.70 -21.42 -14.06
N ALA D 119 18.00 -21.19 -14.17
CA ALA D 119 18.96 -22.23 -14.50
C ALA D 119 19.36 -22.98 -13.23
N CYS D 120 19.28 -24.30 -13.29
CA CYS D 120 19.56 -25.15 -12.14
C CYS D 120 20.47 -26.31 -12.53
N TYR D 121 21.15 -26.87 -11.54
CA TYR D 121 22.01 -28.03 -11.77
C TYR D 121 21.85 -29.00 -10.61
N ASN D 122 21.52 -30.24 -10.92
CA ASN D 122 21.24 -31.25 -9.90
C ASN D 122 20.26 -30.72 -8.84
N GLY D 123 19.18 -30.10 -9.31
CA GLY D 123 18.10 -29.60 -8.49
C GLY D 123 18.37 -28.34 -7.69
N ARG D 124 19.54 -27.72 -7.84
CA ARG D 124 19.78 -26.47 -7.13
C ARG D 124 19.87 -25.30 -8.10
N PRO D 125 19.07 -24.25 -7.93
CA PRO D 125 19.20 -23.09 -8.81
C PRO D 125 20.49 -22.34 -8.58
N THR D 126 21.13 -21.93 -9.67
CA THR D 126 22.39 -21.20 -9.62
C THR D 126 22.28 -19.78 -10.12
N GLY D 127 21.41 -19.51 -11.09
CA GLY D 127 21.29 -18.17 -11.64
C GLY D 127 19.97 -17.99 -12.33
N THR D 128 19.62 -16.74 -12.56
CA THR D 128 18.38 -16.39 -13.25
C THR D 128 18.65 -15.25 -14.22
N PHE D 129 17.98 -15.29 -15.37
CA PHE D 129 18.13 -14.30 -16.41
C PHE D 129 16.86 -14.30 -17.25
N THR D 130 16.79 -13.37 -18.18
CA THR D 130 15.65 -13.25 -19.07
C THR D 130 16.08 -13.50 -20.50
N VAL D 131 15.26 -14.24 -21.24
CA VAL D 131 15.51 -14.55 -22.64
C VAL D 131 14.24 -14.23 -23.43
N VAL D 132 14.36 -14.28 -24.74
CA VAL D 132 13.25 -14.07 -25.65
C VAL D 132 13.19 -15.25 -26.61
N MET D 133 11.98 -15.78 -26.82
CA MET D 133 11.83 -16.82 -27.82
C MET D 133 12.14 -16.23 -29.18
N ARG D 134 13.25 -16.67 -29.78
CA ARG D 134 13.68 -16.10 -31.04
C ARG D 134 12.75 -16.52 -32.17
N PRO D 135 12.75 -15.76 -33.28
CA PRO D 135 11.91 -16.16 -34.43
C PRO D 135 12.22 -17.55 -34.95
N ASN D 136 13.44 -18.05 -34.76
CA ASN D 136 13.80 -19.40 -35.16
C ASN D 136 13.53 -20.43 -34.06
N TYR D 137 12.73 -20.05 -33.05
CA TYR D 137 12.29 -20.95 -31.99
C TYR D 137 13.49 -21.52 -31.21
N THR D 138 14.46 -20.64 -30.95
CA THR D 138 15.58 -20.92 -30.06
C THR D 138 15.64 -19.81 -29.02
N ILE D 139 16.56 -19.94 -28.07
CA ILE D 139 16.83 -18.87 -27.11
C ILE D 139 18.33 -18.68 -26.96
N LYS D 140 18.70 -17.48 -26.52
CA LYS D 140 20.09 -17.12 -26.28
C LYS D 140 20.28 -16.98 -24.76
N GLY D 141 20.47 -18.11 -24.09
CA GLY D 141 20.72 -18.14 -22.67
C GLY D 141 22.18 -18.43 -22.40
N SER D 142 22.46 -18.92 -21.19
CA SER D 142 23.79 -19.45 -20.88
C SER D 142 23.54 -20.69 -20.02
N PHE D 143 23.78 -21.84 -20.62
CA PHE D 143 23.52 -23.14 -20.01
C PHE D 143 24.78 -23.99 -20.15
N LEU D 144 25.10 -24.73 -19.10
CA LEU D 144 26.19 -25.68 -19.11
C LEU D 144 25.61 -27.10 -19.01
N CYS D 145 26.49 -28.10 -18.89
CA CYS D 145 26.01 -29.48 -18.88
C CYS D 145 25.31 -29.80 -17.57
N GLY D 146 24.18 -30.49 -17.67
CA GLY D 146 23.34 -30.76 -16.54
C GLY D 146 22.29 -29.70 -16.28
N SER D 147 22.21 -28.68 -17.13
CA SER D 147 21.24 -27.61 -16.98
C SER D 147 19.84 -27.98 -17.44
N CYS D 148 19.69 -29.09 -18.16
CA CYS D 148 18.37 -29.43 -18.70
C CYS D 148 17.39 -29.66 -17.56
N GLY D 149 16.13 -29.34 -17.82
CA GLY D 149 15.15 -29.22 -16.77
C GLY D 149 15.00 -27.82 -16.22
N SER D 150 15.99 -26.95 -16.43
CA SER D 150 15.85 -25.56 -16.05
C SER D 150 14.61 -24.98 -16.73
N VAL D 151 13.92 -24.07 -16.04
CA VAL D 151 12.54 -23.76 -16.39
C VAL D 151 12.46 -22.29 -16.79
N GLY D 152 11.61 -22.00 -17.77
CA GLY D 152 11.32 -20.62 -18.14
C GLY D 152 9.86 -20.30 -17.87
N TYR D 153 9.62 -19.12 -17.29
CA TYR D 153 8.33 -18.82 -16.73
C TYR D 153 8.10 -17.31 -16.78
N THR D 154 6.83 -16.92 -16.65
CA THR D 154 6.46 -15.54 -16.37
C THR D 154 5.43 -15.53 -15.26
N LYS D 155 5.17 -14.35 -14.72
CA LYS D 155 4.18 -14.20 -13.67
C LYS D 155 3.36 -12.97 -13.99
N GLU D 156 2.06 -13.17 -14.22
CA GLU D 156 1.15 -12.05 -14.33
C GLU D 156 0.16 -12.21 -13.21
N GLY D 157 0.25 -11.31 -12.25
CA GLY D 157 -0.63 -11.38 -11.10
C GLY D 157 -0.34 -12.58 -10.25
N SER D 158 -1.37 -13.41 -10.09
CA SER D 158 -1.39 -14.51 -9.14
C SER D 158 -0.84 -15.81 -9.75
N VAL D 159 -0.65 -15.85 -11.07
CA VAL D 159 -0.41 -17.09 -11.84
C VAL D 159 1.00 -17.11 -12.44
N ILE D 160 1.69 -18.25 -12.30
CA ILE D 160 2.97 -18.49 -12.97
C ILE D 160 2.68 -19.18 -14.28
N ASN D 161 3.21 -18.65 -15.38
CA ASN D 161 3.10 -19.35 -16.65
C ASN D 161 4.40 -20.10 -16.91
N PHE D 162 4.33 -21.43 -16.86
CA PHE D 162 5.49 -22.27 -17.17
C PHE D 162 5.47 -22.55 -18.67
N CYS D 163 6.45 -21.98 -19.38
CA CYS D 163 6.46 -22.03 -20.84
C CYS D 163 7.69 -22.70 -21.43
N TYR D 164 8.69 -23.04 -20.62
CA TYR D 164 9.95 -23.52 -21.17
C TYR D 164 10.59 -24.51 -20.22
N MET D 165 11.06 -25.63 -20.76
CA MET D 165 11.94 -26.55 -20.03
C MET D 165 13.13 -26.86 -20.92
N HIS D 166 14.32 -26.52 -20.43
CA HIS D 166 15.54 -26.61 -21.23
C HIS D 166 15.93 -28.06 -21.48
N GLN D 167 16.41 -28.33 -22.71
CA GLN D 167 16.84 -29.69 -23.05
C GLN D 167 18.11 -29.76 -23.89
N MET D 168 18.43 -28.78 -24.74
CA MET D 168 19.51 -28.95 -25.71
C MET D 168 20.20 -27.62 -25.95
N GLU D 169 21.49 -27.71 -26.26
CA GLU D 169 22.25 -26.62 -26.84
C GLU D 169 22.58 -26.99 -28.29
N LEU D 170 22.13 -26.17 -29.23
CA LEU D 170 22.28 -26.47 -30.65
C LEU D 170 23.59 -25.95 -31.23
N ALA D 171 23.95 -24.71 -30.86
CA ALA D 171 25.22 -24.11 -31.25
C ALA D 171 25.71 -23.30 -30.06
N ASN D 172 26.88 -22.69 -30.24
CA ASN D 172 27.46 -21.91 -29.15
C ASN D 172 26.54 -20.73 -28.83
N GLY D 173 26.09 -20.67 -27.57
CA GLY D 173 25.17 -19.67 -27.11
C GLY D 173 23.74 -19.83 -27.61
N THR D 174 23.43 -20.91 -28.32
CA THR D 174 22.10 -21.16 -28.85
C THR D 174 21.50 -22.37 -28.15
N HIS D 175 20.27 -22.21 -27.64
CA HIS D 175 19.65 -23.24 -26.83
C HIS D 175 18.18 -23.37 -27.21
N THR D 176 17.57 -24.46 -26.76
CA THR D 176 16.15 -24.68 -26.99
C THR D 176 15.60 -25.62 -25.91
N GLY D 177 14.28 -25.80 -25.94
CA GLY D 177 13.61 -26.64 -24.98
C GLY D 177 12.19 -26.89 -25.42
N SER D 178 11.39 -27.43 -24.51
CA SER D 178 10.01 -27.77 -24.80
C SER D 178 9.06 -27.01 -23.88
N ALA D 179 7.84 -26.86 -24.34
CA ALA D 179 6.74 -26.42 -23.49
C ALA D 179 6.19 -27.61 -22.72
N PHE D 180 5.44 -27.32 -21.65
CA PHE D 180 4.96 -28.39 -20.77
C PHE D 180 3.74 -29.12 -21.32
N ASP D 181 3.35 -28.83 -22.56
CA ASP D 181 2.45 -29.72 -23.27
C ASP D 181 3.23 -30.89 -23.87
N GLY D 182 4.55 -30.78 -23.90
CA GLY D 182 5.42 -31.81 -24.44
C GLY D 182 6.06 -31.48 -25.77
N THR D 183 5.58 -30.47 -26.50
CA THR D 183 6.13 -30.18 -27.81
C THR D 183 7.36 -29.31 -27.66
N MET D 184 8.35 -29.57 -28.52
CA MET D 184 9.60 -28.83 -28.50
C MET D 184 9.49 -27.66 -29.46
N TYR D 185 9.94 -26.49 -29.00
CA TYR D 185 9.86 -25.27 -29.81
C TYR D 185 10.60 -25.46 -31.13
N GLY D 186 9.94 -25.07 -32.22
CA GLY D 186 10.54 -25.23 -33.53
C GLY D 186 10.64 -26.64 -34.04
N ALA D 187 10.02 -27.60 -33.34
CA ALA D 187 9.97 -29.00 -33.73
C ALA D 187 11.36 -29.63 -33.76
N PHE D 188 12.31 -29.05 -33.03
CA PHE D 188 13.61 -29.69 -32.89
C PHE D 188 13.46 -31.05 -32.23
N MET D 189 14.43 -31.91 -32.46
CA MET D 189 14.39 -33.29 -31.96
C MET D 189 15.44 -33.50 -30.89
N ASP D 190 15.08 -34.21 -29.83
CA ASP D 190 16.00 -34.52 -28.74
C ASP D 190 16.80 -35.79 -29.06
N LYS D 191 17.70 -35.65 -30.03
CA LYS D 191 18.71 -36.65 -30.35
C LYS D 191 19.97 -35.92 -30.82
N GLN D 192 21.12 -36.35 -30.28
CA GLN D 192 22.38 -35.66 -30.50
C GLN D 192 22.86 -35.92 -31.94
N VAL D 193 22.18 -35.25 -32.87
CA VAL D 193 22.57 -35.20 -34.27
C VAL D 193 22.53 -33.73 -34.66
N HIS D 194 23.21 -33.40 -35.73
CA HIS D 194 23.22 -32.00 -36.11
C HIS D 194 21.92 -31.60 -36.82
N GLN D 195 21.33 -30.53 -36.28
CA GLN D 195 20.02 -29.99 -36.67
C GLN D 195 20.18 -28.51 -37.03
N VAL D 196 19.87 -28.17 -38.28
CA VAL D 196 19.99 -26.79 -38.72
C VAL D 196 18.77 -26.00 -38.26
N GLN D 197 19.00 -24.78 -37.80
CA GLN D 197 17.96 -23.88 -37.33
C GLN D 197 17.64 -22.85 -38.42
N LEU D 198 16.45 -22.28 -38.36
CA LEU D 198 16.07 -21.26 -39.32
C LEU D 198 16.80 -19.95 -39.03
N THR D 199 16.62 -18.97 -39.90
CA THR D 199 17.47 -17.79 -39.80
C THR D 199 16.90 -16.86 -38.72
N ASP D 200 17.78 -16.25 -37.92
CA ASP D 200 17.33 -15.37 -36.85
C ASP D 200 16.83 -14.04 -37.40
N LYS D 201 15.89 -13.43 -36.68
CA LYS D 201 15.29 -12.17 -37.09
C LYS D 201 15.16 -11.26 -35.88
N TYR D 202 15.13 -9.96 -36.15
CA TYR D 202 14.80 -8.96 -35.15
C TYR D 202 13.30 -8.98 -34.87
N CYS D 203 12.93 -8.92 -33.60
CA CYS D 203 11.52 -8.89 -33.23
C CYS D 203 11.07 -7.43 -33.27
N SER D 204 10.28 -7.08 -34.29
CA SER D 204 9.97 -5.69 -34.56
C SER D 204 9.27 -5.02 -33.38
N VAL D 205 8.23 -5.66 -32.85
CA VAL D 205 7.48 -5.06 -31.75
C VAL D 205 8.40 -4.76 -30.57
N ASN D 206 9.41 -5.61 -30.33
CA ASN D 206 10.30 -5.41 -29.20
C ASN D 206 11.28 -4.26 -29.47
N VAL D 207 11.74 -4.11 -30.71
CA VAL D 207 12.57 -2.96 -31.05
C VAL D 207 11.79 -1.67 -30.89
N VAL D 208 10.50 -1.70 -31.25
CA VAL D 208 9.64 -0.54 -31.07
C VAL D 208 9.50 -0.22 -29.58
N ALA D 209 9.28 -1.25 -28.76
CA ALA D 209 9.22 -1.04 -27.32
C ALA D 209 10.51 -0.44 -26.79
N TRP D 210 11.65 -0.91 -27.30
CA TRP D 210 12.94 -0.40 -26.83
C TRP D 210 13.13 1.06 -27.23
N LEU D 211 12.66 1.42 -28.43
CA LEU D 211 12.72 2.82 -28.83
C LEU D 211 11.80 3.68 -27.99
N TYR D 212 10.63 3.17 -27.63
CA TYR D 212 9.75 3.90 -26.72
C TYR D 212 10.41 4.08 -25.36
N ALA D 213 11.12 3.05 -24.89
CA ALA D 213 11.86 3.17 -23.63
C ALA D 213 12.92 4.27 -23.72
N ALA D 214 13.69 4.27 -24.81
CA ALA D 214 14.68 5.33 -25.01
C ALA D 214 14.02 6.70 -25.02
N ILE D 215 12.86 6.82 -25.67
CA ILE D 215 12.15 8.10 -25.68
C ILE D 215 11.79 8.53 -24.26
N LEU D 216 11.24 7.59 -23.48
CA LEU D 216 10.82 7.89 -22.11
C LEU D 216 12.00 8.14 -21.17
N ASN D 217 13.24 7.96 -21.64
CA ASN D 217 14.42 8.30 -20.87
C ASN D 217 15.16 9.50 -21.43
N GLY D 218 14.44 10.38 -22.14
CA GLY D 218 15.05 11.59 -22.65
C GLY D 218 15.96 11.38 -23.82
N CYS D 219 15.81 10.27 -24.55
CA CYS D 219 16.63 9.93 -25.71
C CYS D 219 15.72 9.81 -26.92
N ALA D 220 15.68 10.84 -27.76
CA ALA D 220 14.74 10.85 -28.87
C ALA D 220 15.33 11.50 -30.13
N TRP D 221 16.65 11.41 -30.31
CA TRP D 221 17.24 11.99 -31.52
C TRP D 221 16.75 11.29 -32.78
N PHE D 222 16.40 10.00 -32.68
CA PHE D 222 15.96 9.23 -33.84
C PHE D 222 14.51 9.49 -34.25
N VAL D 223 13.73 10.20 -33.44
CA VAL D 223 12.31 10.46 -33.70
C VAL D 223 12.17 11.69 -34.58
N LYS D 224 11.65 11.51 -35.77
CA LYS D 224 11.38 12.68 -36.57
C LYS D 224 9.94 12.57 -37.09
N PRO D 225 9.39 13.62 -37.71
CA PRO D 225 8.01 13.53 -38.21
C PRO D 225 7.78 12.43 -39.25
N ASN D 226 8.84 11.92 -39.88
CA ASN D 226 8.68 10.89 -40.89
C ASN D 226 7.95 9.69 -40.30
N ARG D 227 7.13 9.05 -41.14
CA ARG D 227 6.34 7.90 -40.74
C ARG D 227 6.47 6.83 -41.80
N THR D 228 6.15 5.59 -41.41
CA THR D 228 6.19 4.44 -42.32
C THR D 228 5.03 3.54 -41.94
N SER D 229 4.14 3.30 -42.90
CA SER D 229 2.99 2.43 -42.66
C SER D 229 3.39 1.10 -42.02
N VAL D 230 2.47 0.51 -41.25
CA VAL D 230 2.70 -0.83 -40.74
C VAL D 230 2.69 -1.83 -41.89
N VAL D 231 1.89 -1.57 -42.91
CA VAL D 231 1.83 -2.48 -44.05
C VAL D 231 3.08 -2.39 -44.89
N SER D 232 3.55 -1.16 -45.16
CA SER D 232 4.80 -0.98 -45.89
C SER D 232 5.99 -1.48 -45.09
N PHE D 233 5.95 -1.32 -43.77
CA PHE D 233 7.05 -1.79 -42.95
C PHE D 233 7.09 -3.30 -42.89
N ASN D 234 5.93 -3.95 -42.97
CA ASN D 234 5.90 -5.40 -42.98
C ASN D 234 6.43 -5.93 -44.30
N GLU D 235 6.12 -5.25 -45.40
CA GLU D 235 6.74 -5.67 -46.64
C GLU D 235 8.24 -5.45 -46.63
N TRP D 236 8.68 -4.33 -46.06
CA TRP D 236 10.12 -4.13 -45.90
C TRP D 236 10.69 -5.23 -45.01
N ALA D 237 9.91 -5.68 -44.02
CA ALA D 237 10.41 -6.66 -43.05
C ALA D 237 10.59 -8.03 -43.68
N LEU D 238 9.68 -8.43 -44.58
CA LEU D 238 9.79 -9.74 -45.21
C LEU D 238 11.03 -9.85 -46.10
N ALA D 239 11.67 -8.73 -46.42
CA ALA D 239 12.86 -8.71 -47.24
C ALA D 239 14.13 -8.41 -46.46
N ASN D 240 14.03 -7.91 -45.22
CA ASN D 240 15.20 -7.68 -44.40
C ASN D 240 15.12 -8.48 -43.11
N GLN D 241 14.35 -9.56 -43.13
CA GLN D 241 14.31 -10.56 -42.06
C GLN D 241 14.08 -9.91 -40.70
N PHE D 242 12.96 -9.19 -40.63
CA PHE D 242 12.39 -8.66 -39.41
C PHE D 242 11.04 -9.33 -39.21
N THR D 243 10.61 -9.42 -37.96
CA THR D 243 9.32 -10.05 -37.71
C THR D 243 8.18 -9.13 -38.18
N GLU D 244 7.03 -9.75 -38.41
CA GLU D 244 5.84 -8.99 -38.75
C GLU D 244 5.40 -8.19 -37.54
N PHE D 245 5.27 -6.87 -37.69
CA PHE D 245 4.80 -6.06 -36.58
C PHE D 245 3.32 -6.32 -36.36
N VAL D 246 2.92 -6.48 -35.10
CA VAL D 246 1.52 -6.66 -34.75
C VAL D 246 1.25 -5.77 -33.54
N GLY D 247 0.29 -4.85 -33.69
CA GLY D 247 0.01 -3.92 -32.62
C GLY D 247 -0.62 -4.62 -31.42
N THR D 248 -0.39 -4.05 -30.24
CA THR D 248 -0.96 -4.54 -29.00
C THR D 248 -1.41 -3.37 -28.16
N GLN D 249 -2.20 -3.67 -27.14
CA GLN D 249 -2.66 -2.63 -26.23
C GLN D 249 -1.50 -2.04 -25.43
N SER D 250 -0.44 -2.82 -25.23
CA SER D 250 0.74 -2.32 -24.53
C SER D 250 1.50 -1.28 -25.34
N VAL D 251 1.78 -1.57 -26.61
CA VAL D 251 2.44 -0.58 -27.46
C VAL D 251 1.60 0.68 -27.58
N ASP D 252 0.28 0.52 -27.64
CA ASP D 252 -0.58 1.69 -27.72
C ASP D 252 -0.52 2.50 -26.44
N MET D 253 -0.37 1.83 -25.29
CA MET D 253 -0.13 2.56 -24.05
C MET D 253 1.15 3.38 -24.14
N LEU D 254 2.23 2.77 -24.67
CA LEU D 254 3.49 3.47 -24.83
C LEU D 254 3.34 4.66 -25.79
N ALA D 255 2.63 4.45 -26.90
CA ALA D 255 2.42 5.53 -27.86
C ALA D 255 1.63 6.68 -27.23
N VAL D 256 0.61 6.37 -26.44
CA VAL D 256 -0.23 7.41 -25.86
C VAL D 256 0.54 8.28 -24.87
N LYS D 257 1.41 7.53 -24.07
CA LYS D 257 2.18 8.20 -22.99
C LYS D 257 3.27 9.06 -23.59
N THR D 258 3.87 8.62 -24.62
CA THR D 258 5.00 9.30 -25.22
C THR D 258 4.58 10.34 -26.26
N GLY D 259 3.37 10.25 -26.77
CA GLY D 259 2.97 11.12 -27.86
C GLY D 259 3.74 10.92 -29.14
N VAL D 260 4.36 9.76 -29.32
CA VAL D 260 5.12 9.44 -30.51
C VAL D 260 4.44 8.27 -31.20
N ALA D 261 4.16 8.41 -32.49
CA ALA D 261 3.39 7.40 -33.19
C ALA D 261 4.25 6.19 -33.51
N ILE D 262 3.59 5.03 -33.59
CA ILE D 262 4.26 3.78 -33.94
C ILE D 262 4.95 3.91 -35.29
N GLU D 263 4.28 4.53 -36.27
CA GLU D 263 4.83 4.62 -37.61
C GLU D 263 6.14 5.39 -37.62
N GLN D 264 6.25 6.42 -36.77
CA GLN D 264 7.50 7.16 -36.65
C GLN D 264 8.64 6.23 -36.25
N LEU D 265 8.41 5.35 -35.28
CA LEU D 265 9.47 4.46 -34.82
C LEU D 265 9.73 3.34 -35.82
N LEU D 266 8.74 2.95 -36.61
CA LEU D 266 8.98 2.00 -37.68
C LEU D 266 9.90 2.60 -38.74
N TYR D 267 9.66 3.86 -39.12
CA TYR D 267 10.58 4.57 -39.99
C TYR D 267 11.97 4.65 -39.37
N ALA D 268 12.03 4.95 -38.06
CA ALA D 268 13.31 5.02 -37.38
C ALA D 268 14.06 3.69 -37.44
N ILE D 269 13.32 2.57 -37.32
CA ILE D 269 13.95 1.25 -37.40
C ILE D 269 14.52 1.03 -38.79
N GLN D 270 13.75 1.36 -39.83
CA GLN D 270 14.24 1.25 -41.21
C GLN D 270 15.51 2.06 -41.40
N GLN D 271 15.59 3.24 -40.78
CA GLN D 271 16.75 4.10 -40.98
C GLN D 271 17.94 3.66 -40.14
N LEU D 272 17.70 3.09 -38.96
CA LEU D 272 18.79 2.71 -38.08
C LEU D 272 19.37 1.36 -38.42
N TYR D 273 18.60 0.51 -39.12
CA TYR D 273 19.11 -0.79 -39.52
C TYR D 273 20.27 -0.63 -40.50
N THR D 274 20.29 0.48 -41.25
CA THR D 274 21.38 0.82 -42.15
C THR D 274 22.62 1.25 -41.37
N GLY D 275 22.43 2.04 -40.31
CA GLY D 275 23.53 2.54 -39.51
C GLY D 275 23.08 3.55 -38.49
N PHE D 276 23.76 3.60 -37.34
CA PHE D 276 23.36 4.47 -36.24
C PHE D 276 23.96 5.87 -36.33
N GLN D 277 24.70 6.17 -37.41
CA GLN D 277 25.28 7.50 -37.62
C GLN D 277 26.20 7.90 -36.48
N GLY D 278 26.85 6.91 -35.86
CA GLY D 278 27.78 7.15 -34.77
C GLY D 278 27.15 7.51 -33.44
N LYS D 279 25.82 7.57 -33.36
CA LYS D 279 25.09 7.88 -32.13
C LYS D 279 24.81 6.63 -31.30
N GLN D 280 24.38 6.85 -30.07
CA GLN D 280 24.02 5.80 -29.12
C GLN D 280 22.55 5.92 -28.75
N ILE D 281 21.93 4.78 -28.45
CA ILE D 281 20.56 4.73 -27.93
C ILE D 281 20.58 3.84 -26.70
N LEU D 282 20.36 4.44 -25.52
CA LEU D 282 20.47 3.73 -24.24
C LEU D 282 21.78 2.95 -24.14
N GLY D 283 22.86 3.58 -24.59
CA GLY D 283 24.16 2.97 -24.46
C GLY D 283 24.37 1.81 -25.42
N SER D 284 23.72 1.84 -26.58
CA SER D 284 23.89 0.76 -27.54
C SER D 284 23.94 1.32 -28.95
N THR D 285 24.83 0.75 -29.77
CA THR D 285 25.02 1.17 -31.16
C THR D 285 24.41 0.16 -32.12
N MET D 286 23.57 -0.73 -31.60
CA MET D 286 22.85 -1.73 -32.38
C MET D 286 21.39 -1.74 -31.91
N LEU D 287 20.53 -2.32 -32.73
CA LEU D 287 19.13 -2.47 -32.36
C LEU D 287 18.95 -3.53 -31.29
N GLU D 288 18.04 -3.26 -30.35
CA GLU D 288 17.78 -4.16 -29.23
C GLU D 288 16.35 -4.66 -29.33
N ASP D 289 16.19 -5.98 -29.42
CA ASP D 289 14.87 -6.62 -29.42
C ASP D 289 14.67 -7.48 -28.19
N GLU D 290 15.47 -7.25 -27.15
CA GLU D 290 15.42 -8.00 -25.90
C GLU D 290 14.32 -7.52 -24.96
N PHE D 291 13.59 -6.46 -25.29
CA PHE D 291 12.64 -5.83 -24.38
C PHE D 291 11.24 -5.81 -24.99
N THR D 292 10.28 -6.42 -24.29
CA THR D 292 8.90 -6.48 -24.73
C THR D 292 8.13 -5.24 -24.28
N PRO D 293 7.01 -4.92 -24.94
CA PRO D 293 6.19 -3.78 -24.49
C PRO D 293 5.75 -3.89 -23.04
N GLU D 294 5.36 -5.08 -22.60
CA GLU D 294 4.98 -5.26 -21.21
C GLU D 294 6.15 -4.96 -20.28
N ASP D 295 7.35 -5.38 -20.68
CA ASP D 295 8.54 -5.10 -19.89
C ASP D 295 8.79 -3.60 -19.77
N VAL D 296 8.67 -2.86 -20.87
CA VAL D 296 8.92 -1.42 -20.83
C VAL D 296 7.86 -0.72 -19.99
N ASN D 297 6.59 -1.11 -20.17
CA ASN D 297 5.50 -0.55 -19.36
C ASN D 297 5.76 -0.73 -17.87
N MET D 298 6.11 -1.95 -17.46
CA MET D 298 6.30 -2.22 -16.04
C MET D 298 7.53 -1.53 -15.49
N GLN D 299 8.60 -1.41 -16.29
CA GLN D 299 9.84 -0.86 -15.79
C GLN D 299 9.81 0.65 -15.67
N ILE D 300 9.10 1.35 -16.55
CA ILE D 300 9.13 2.80 -16.59
C ILE D 300 7.93 3.41 -15.88
N MET D 301 6.75 2.83 -16.01
CA MET D 301 5.54 3.38 -15.41
C MET D 301 4.98 2.56 -14.27
N GLY D 302 5.48 1.34 -14.05
CA GLY D 302 4.93 0.54 -12.98
C GLY D 302 3.59 -0.06 -13.35
N VAL D 303 3.31 -0.16 -14.65
CA VAL D 303 2.06 -0.72 -15.15
C VAL D 303 2.24 -2.22 -15.36
N VAL D 304 1.78 -3.00 -14.38
CA VAL D 304 1.92 -4.45 -14.46
C VAL D 304 0.67 -5.08 -15.05
N1 J7R E . -24.31 -9.40 26.35
N3 J7R E . -20.95 -11.09 24.62
C4 J7R E . -21.87 -10.00 28.08
C5 J7R E . -20.89 -10.65 28.82
C6 J7R E . -19.94 -11.43 28.19
C7 J7R E . -19.95 -11.58 26.81
C8 J7R E . -20.92 -10.94 26.07
C10 J7R E . -21.48 -13.45 24.12
C13 J7R E . -20.96 -11.88 21.70
C15 J7R E . -22.87 -9.32 21.48
C17 J7R E . -21.99 -6.93 21.56
C20 J7R E . -25.75 -5.37 22.41
C21 J7R E . -26.86 -6.20 22.54
C22 J7R E . -26.72 -7.58 22.37
C24 J7R E . -24.35 -7.28 21.96
C1 J7R E . -25.32 -8.72 25.57
C11 J7R E . -21.26 -14.20 22.79
C12 J7R E . -20.73 -13.39 21.61
C14 J7R E . -22.16 -11.52 22.56
C16 J7R E . -23.06 -7.82 21.66
C18 J7R E . -23.33 -5.11 21.99
C19 J7R E . -24.48 -5.94 22.12
C2 J7R E . -22.95 -9.44 25.89
C23 J7R E . -25.49 -8.13 22.08
C3 J7R E . -21.88 -10.16 26.71
C9 J7R E . -21.94 -12.00 23.99
N2 J7R E . -18.94 -12.40 26.18
N4 J7R E . -22.36 -10.08 22.61
N5 J7R E . -22.14 -5.62 21.72
O1 J7R E . -22.65 -8.90 24.88
O2 J7R E . -18.76 -12.35 25.00
O3 J7R E . -18.14 -13.25 26.95
O4 J7R E . -23.17 -9.85 20.47
BR1 J7R E . -20.88 -10.45 30.75
N1 J7R F . -16.42 33.86 8.03
N3 J7R F . -16.68 32.77 3.96
C4 J7R F . -18.92 34.75 6.20
C5 J7R F . -19.74 35.34 5.26
C6 J7R F . -19.57 35.08 3.91
C7 J7R F . -18.57 34.23 3.51
C8 J7R F . -17.74 33.65 4.44
C10 J7R F . -15.20 34.19 2.57
C13 J7R F . -14.52 31.33 2.54
C15 J7R F . -13.82 30.31 5.50
C17 J7R F . -15.12 28.43 6.67
C20 J7R F . -13.73 29.69 10.39
C21 J7R F . -12.88 30.78 10.50
C22 J7R F . -12.47 31.48 9.36
C24 J7R F . -13.79 29.96 7.99
C1 J7R F . -16.64 35.24 8.44
C11 J7R F . -14.23 33.69 1.50
C12 J7R F . -14.11 32.16 1.32
C14 J7R F . -14.36 32.13 3.82
C16 J7R F . -14.26 29.53 6.72
C18 J7R F . -15.07 28.16 8.95
C19 J7R F . -14.20 29.27 9.10
C2 J7R F . -16.97 33.23 6.84
C23 J7R F . -12.92 31.08 8.10
C3 J7R F . -17.89 33.91 5.80
C9 J7R F . -15.32 33.32 3.83
N2 J7R F . -18.40 33.96 2.09
N4 J7R F . -14.71 31.32 4.98
N5 J7R F . -15.50 27.78 7.76
O1 J7R F . -16.69 32.10 6.65
O2 J7R F . -18.67 34.79 1.31
O3 J7R F . -17.91 32.71 1.67
O4 J7R F . -12.77 30.09 4.98
BR1 J7R F . -21.15 36.54 5.83
N1 J7R G . 15.52 11.80 -6.54
N3 J7R G . 15.74 10.37 -2.58
C4 J7R G . 17.94 12.32 -4.88
C5 J7R G . 18.83 12.86 -3.98
C6 J7R G . 18.73 12.59 -2.62
C7 J7R G . 17.72 11.77 -2.16
C8 J7R G . 16.81 11.22 -3.07
C10 J7R G . 14.19 11.55 -1.07
C13 J7R G . 13.43 8.75 -1.52
C15 J7R G . 13.03 8.00 -4.50
C17 J7R G . 14.48 6.27 -5.64
C20 J7R G . 13.17 7.37 -9.43
C21 J7R G . 12.24 8.39 -9.60
C22 J7R G . 11.73 9.07 -8.49
C24 J7R G . 13.11 7.68 -7.04
C1 J7R G . 14.61 11.28 -7.54
C11 J7R G . 13.14 10.93 -0.15
C12 J7R G . 12.94 9.40 -0.22
C14 J7R G . 13.41 9.73 -2.69
C16 J7R G . 13.56 7.30 -5.75
C18 J7R G . 14.55 5.98 -7.93
C19 J7R G . 13.60 7.01 -8.12
C2 J7R G . 15.96 10.94 -5.47
C23 J7R G . 12.15 8.73 -7.21
C3 J7R G . 16.92 11.50 -4.42
C9 J7R G . 14.37 10.89 -2.44
N2 J7R G . 17.60 11.48 -0.75
N4 J7R G . 13.86 9.02 -3.88
N5 J7R G . 14.96 5.64 -6.71
O1 J7R G . 15.62 9.82 -5.42
O2 J7R G . 17.22 12.32 -0.01
O3 J7R G . 17.93 10.21 -0.25
O4 J7R G . 11.97 7.72 -4.06
BR1 J7R G . 20.22 13.99 -4.69
N1 J7R H . 24.97 -30.62 -26.80
N3 J7R H . 21.58 -32.65 -25.21
C4 J7R H . 22.56 -31.24 -28.57
C5 J7R H . 21.63 -31.89 -29.37
C6 J7R H . 20.71 -32.77 -28.82
C7 J7R H . 20.72 -32.99 -27.46
C8 J7R H . 21.64 -32.35 -26.64
C10 J7R H . 22.03 -35.02 -24.73
C13 J7R H . 21.57 -33.53 -22.25
C15 J7R H . 23.36 -30.99 -22.02
C17 J7R H . 22.58 -28.56 -22.14
C20 J7R H . 26.54 -27.30 -22.56
C21 J7R H . 27.59 -28.20 -22.58
C22 J7R H . 27.32 -29.57 -22.45
C24 J7R H . 24.95 -29.07 -22.30
C1 J7R H . 25.96 -29.93 -25.99
C11 J7R H . 21.80 -35.81 -23.43
C12 J7R H . 21.32 -35.03 -22.20
C14 J7R H . 22.76 -33.17 -23.15
C16 J7R H . 23.60 -29.50 -22.14
C18 J7R H . 24.10 -26.83 -22.40
C19 J7R H . 25.19 -27.74 -22.41
C2 J7R H . 23.59 -30.73 -26.34
C23 J7R H . 26.02 -30.01 -22.32
C3 J7R H . 22.56 -31.46 -27.20
C9 J7R H . 22.53 -33.59 -24.59
N2 J7R H . 19.76 -33.91 -26.85
N4 J7R H . 22.99 -31.73 -23.21
N5 J7R H . 22.85 -27.26 -22.26
O1 J7R H . 23.28 -30.23 -25.32
O2 J7R H . 19.21 -33.62 -25.85
O3 J7R H . 19.50 -35.14 -27.45
O4 J7R H . 23.52 -31.54 -20.98
BR1 J7R H . 21.64 -31.56 -31.28
#